data_7WY0
#
_entry.id   7WY0
#
loop_
_entity.id
_entity.type
_entity.pdbx_description
1 polymer 'Engineered G alpha 13 subunit'
2 polymer 'Guanine nucleotide-binding protein G(I)/G(S)/G(T) subunit beta-1'
3 polymer scFv16
4 polymer 'Guanine nucleotide-binding protein G(I)/G(S)/G(O) subunit gamma-2'
5 polymer 'Adhesion G-protein coupled receptor F1'
#
loop_
_entity_poly.entity_id
_entity_poly.type
_entity_poly.pdbx_seq_one_letter_code
_entity_poly.pdbx_strand_id
1 'polypeptide(L)'
;MGCTLSAEDKAAVERSKMIDKCLSREKTYVKRLVKILLLGAGESGKSTFLKQMRIIHVNGYSEEECKQYKAVVYSNTIQS
IIAIIRAMGRLKIDFGDSARADDARQLFVLAGAAEEGFMTAELAGVIKRLWKDSGVQACFNRSREYQLNDSAAYYLNDLD
RIAQPNYIPTQQDVLRTRVKTKGIHEYDFEIKNVPFKMVDVGAQRSERKRWFECFDSVTSILFLVSSSEFDQVLMEDRLT
NRLTESLNIFETIVNNRVFSNVSIILFLNKTDLLEEKVQIVSIKDYFLEFEGDPHCLRDVQKFLVECFRNKRRDQQQKPL
YHHFTTSINTENIRLVFRDVKDTILHDNLKQLMLQ
;
A
2 'polypeptide(L)'
;MGSLLQSELDQLRQEAEQLKNQIRDARKACADATLSQITNNIDPVGRIQMRTRRTLRGHLAKIYAMHWGTDSRLLVSASQ
DGKLIIWDSYTTNKVHAIPLRSSWVMTCAYAPSGNYVACGGLDNICSIYNLKTREGNVRVSRELAGHTGYLSCCRFLDDN
QIVTSSGDTTCALWDIETGQQTTTFTGHTGDVMSLSLAPDTRLFVSGACDASAKLWDVREGMCRQTFTGHESDINAICFF
PNGNAFATGSDDATCRLFDLRADQELMTYSHDNIICGITSVSFSKSGRLLLAGYDDFNCNVWDALKADRAGVLAGHDNRV
SCLGVTDDGMAVATGSWDSFLKIWN
;
B
3 'polypeptide(L)'
;VQLVESGGGLVQPGGSRKLSCSASGFAFSSFGMHWVRQAPEKGLEWVAYISSGSGTIYYADTVKGRFTISRDDPKNTLFL
QMTSLRSEDTAMYYCVRSIYYYGSSPFDFWGQGTTLTVSAGGGGSGGGGSGGGGSADIVMTQATSSVPVTPGESVSISCR
SSKSLLHSNGNTYLYWFLQRPGQSPQLLIYRMSNLASGVPDRFSGSGSGTAFTLTISRLEAEDVGVYYCMQHLEYPLTFG
AGTKLEL
;
C
4 'polypeptide(L)' MASNNTASIAQARKLVEQLKMEANIDRIKVSKAAADLMAYCEAHAKEDPLLTPVPASENPFREKKFFCAIL D
5 'polypeptide(L)'
;MKVGVLWLISFFTFTDGHGGFLGKNDGIKTKKELIVNKKKHLGPVEEYQLLLQVTYRDSKEKRDLRNFLKLLKPPLLWSH
GLIRIIRAKATTDCNSLNGVLQCTCEDSYTWFPPSCLDPQNCYLHTAGALPSCECHLNNLSQSVNFCERTKIWGTFKINE
RFTNDLLNSSSAIYSKYANGIEIQLKKAYERIQGFESVQVTQFRNGSIVAGYEVVGSSSASELLSAIEHVAEKAKTALHK
LFPLEDGSFRVFGKAQCNDIVFGFGSKDDEYTLPCSSGYRGNITAKCESSGWQVIRETCVLSLLEELNKNFSMIVGNATE
AAVSSFVQNLSVIIRQNPSTTVGNLASVVSILSNISSLSLASHFRVSNSTMEDVISIADNILNSASVTNWTVLLREEKYA
SSRLLETLENISTLVPPTALPLNFSRKFIDWKGIPVNKSQLKRGYSYQIKMCPQNTSIPIRGRVLIGSDQFQRSLPETII
SMASLTLGNILPVSKNGNAQVNGPVISTVIQNYSINEVFLFFSKIESNLSQPHCVFWDFSHLQWNDAGCHLVNETQDIVT
CQCTHLTSFSILMSPFVPSTIFPVVKWITYVGLGISIGSLILCLIIEALFWKQIKKSQTSHTRRICMVNIALSLLIADVW
FIVGATVDTTVNPSGVCTAAVFFTHFFYLSLFFWMLMLGILLAYRIILVFHHMAQHLMMAVGFCLGYGCPLIISVITIAV
TQPSNTYKRKDVCWLNWSNGSKPLLAFVVPALAIVAVNFVVVLLVLTKLWRPTVGERLSRDDKATIIRVGKSLLILTPLL
GLTWGFGIGTIVDSQNLAWHVIFALLNAFQGFFILCFGILLDSKLRQLLFNKLSALSSWKQTEKQNSSDLSAKPKFSKPF
NPLQNKGHYAFSHTGDSSDNIMLTQFVSNE
;
R
#
# COMPACT_ATOMS: atom_id res chain seq x y z
N LEU A 5 19.43 19.40 -0.06
CA LEU A 5 18.25 19.69 -0.86
C LEU A 5 18.17 21.16 -1.22
N SER A 6 17.43 21.46 -2.29
CA SER A 6 17.29 22.80 -2.82
C SER A 6 16.08 23.53 -2.26
N ALA A 7 15.50 22.98 -1.21
CA ALA A 7 14.37 23.51 -0.44
C ALA A 7 13.07 23.43 -1.22
N GLU A 8 13.16 23.41 -2.55
CA GLU A 8 11.98 23.06 -3.31
C GLU A 8 11.83 21.56 -3.34
N ASP A 9 12.93 20.84 -3.10
CA ASP A 9 12.79 19.47 -2.68
C ASP A 9 12.25 19.38 -1.26
N LYS A 10 12.71 20.26 -0.37
CA LYS A 10 12.32 20.13 1.03
C LYS A 10 10.82 20.26 1.17
N ALA A 11 10.26 21.34 0.61
CA ALA A 11 8.81 21.47 0.57
C ALA A 11 8.17 20.26 -0.08
N ALA A 12 8.73 19.82 -1.21
CA ALA A 12 8.22 18.61 -1.86
C ALA A 12 8.19 17.47 -0.87
N VAL A 13 9.32 17.22 -0.19
CA VAL A 13 9.37 16.14 0.79
C VAL A 13 8.26 16.33 1.81
N GLU A 14 8.11 17.56 2.30
CA GLU A 14 7.12 17.82 3.32
C GLU A 14 5.74 17.44 2.83
N ARG A 15 5.44 17.80 1.57
CA ARG A 15 4.17 17.43 0.98
C ARG A 15 3.95 15.93 1.08
N SER A 16 4.94 15.14 0.64
CA SER A 16 4.81 13.70 0.71
C SER A 16 4.50 13.25 2.13
N LYS A 17 5.22 13.82 3.10
CA LYS A 17 5.01 13.40 4.49
C LYS A 17 3.56 13.63 4.89
N MET A 18 3.00 14.79 4.53
CA MET A 18 1.61 15.05 4.84
C MET A 18 0.72 13.97 4.26
N ILE A 19 0.95 13.62 2.99
CA ILE A 19 0.14 12.58 2.37
C ILE A 19 0.25 11.30 3.17
N ASP A 20 1.48 10.95 3.57
CA ASP A 20 1.68 9.74 4.36
C ASP A 20 0.80 9.76 5.60
N LYS A 21 0.80 10.89 6.30
CA LYS A 21 -0.03 10.99 7.50
C LYS A 21 -1.46 10.59 7.21
N CYS A 22 -2.03 11.17 6.16
CA CYS A 22 -3.42 10.86 5.83
C CYS A 22 -3.60 9.37 5.61
N LEU A 23 -2.71 8.76 4.84
CA LEU A 23 -2.83 7.34 4.58
C LEU A 23 -2.75 6.54 5.88
N SER A 24 -1.83 6.92 6.77
CA SER A 24 -1.75 6.23 8.05
C SER A 24 -3.05 6.38 8.81
N ARG A 25 -3.63 7.57 8.81
CA ARG A 25 -4.88 7.80 9.52
C ARG A 25 -6.00 6.93 8.98
N GLU A 26 -5.86 6.39 7.77
CA GLU A 26 -6.88 5.50 7.25
C GLU A 26 -6.60 4.04 7.49
N LYS A 27 -5.33 3.67 7.70
CA LYS A 27 -5.01 2.25 7.92
C LYS A 27 -5.83 1.68 9.06
N THR A 28 -5.82 2.36 10.20
CA THR A 28 -6.59 1.91 11.36
C THR A 28 -8.07 1.78 11.03
N TYR A 29 -8.61 2.65 10.18
CA TYR A 29 -10.01 2.52 9.82
C TYR A 29 -10.22 1.30 8.93
N VAL A 30 -9.31 1.04 8.00
CA VAL A 30 -9.48 -0.09 7.09
C VAL A 30 -9.54 -1.39 7.87
N LYS A 31 -8.69 -1.52 8.88
CA LYS A 31 -8.75 -2.70 9.75
C LYS A 31 -10.08 -2.76 10.49
N ARG A 32 -10.58 -1.61 10.94
CA ARG A 32 -11.83 -1.58 11.67
C ARG A 32 -13.03 -1.94 10.81
N LEU A 33 -12.90 -1.92 9.49
CA LEU A 33 -14.01 -2.15 8.60
C LEU A 33 -14.16 -3.64 8.32
N VAL A 34 -15.38 -4.13 8.40
CA VAL A 34 -15.69 -5.54 8.20
C VAL A 34 -16.47 -5.67 6.89
N LYS A 35 -15.98 -6.51 5.99
CA LYS A 35 -16.59 -6.67 4.69
C LYS A 35 -17.31 -8.01 4.59
N ILE A 36 -18.52 -7.97 4.04
CA ILE A 36 -19.36 -9.14 3.85
C ILE A 36 -19.95 -9.15 2.45
N LEU A 37 -19.53 -10.10 1.62
CA LEU A 37 -20.25 -10.30 0.38
C LEU A 37 -21.68 -10.72 0.66
N LEU A 38 -22.56 -10.42 -0.28
CA LEU A 38 -23.94 -10.89 -0.21
C LEU A 38 -24.20 -11.68 -1.47
N LEU A 39 -24.21 -13.00 -1.36
CA LEU A 39 -24.51 -13.88 -2.48
C LEU A 39 -25.76 -14.73 -2.32
N GLY A 40 -26.77 -14.43 -3.12
CA GLY A 40 -28.13 -14.87 -2.84
C GLY A 40 -28.83 -15.60 -3.96
N ALA A 41 -28.18 -15.68 -5.12
CA ALA A 41 -28.66 -16.43 -6.29
C ALA A 41 -30.00 -15.93 -6.81
N GLY A 42 -30.54 -14.85 -6.27
CA GLY A 42 -31.82 -14.33 -6.68
C GLY A 42 -31.87 -12.82 -6.67
N GLU A 43 -33.07 -12.25 -6.76
CA GLU A 43 -33.21 -10.80 -6.72
C GLU A 43 -34.24 -10.36 -5.69
N SER A 44 -35.33 -11.11 -5.55
CA SER A 44 -36.40 -10.71 -4.65
C SER A 44 -36.01 -10.89 -3.19
N GLY A 45 -35.42 -12.05 -2.85
CA GLY A 45 -35.05 -12.30 -1.48
C GLY A 45 -34.00 -11.34 -0.98
N LYS A 46 -32.99 -11.07 -1.80
CA LYS A 46 -31.96 -10.11 -1.43
C LYS A 46 -32.56 -8.74 -1.19
N SER A 47 -33.47 -8.32 -2.07
CA SER A 47 -34.11 -7.02 -1.90
C SER A 47 -34.89 -6.95 -0.60
N THR A 48 -35.67 -8.00 -0.29
CA THR A 48 -36.47 -7.99 0.94
C THR A 48 -35.58 -7.97 2.18
N PHE A 49 -34.51 -8.77 2.16
CA PHE A 49 -33.64 -8.88 3.31
C PHE A 49 -32.87 -7.59 3.56
N LEU A 50 -32.32 -7.00 2.50
CA LEU A 50 -31.68 -5.70 2.62
C LEU A 50 -32.67 -4.63 3.03
N LYS A 51 -33.94 -4.74 2.59
CA LYS A 51 -34.96 -3.80 3.02
C LYS A 51 -35.19 -3.90 4.52
N GLN A 52 -35.24 -5.11 5.06
CA GLN A 52 -35.42 -5.27 6.50
C GLN A 52 -34.26 -4.65 7.27
N MET A 53 -33.03 -4.96 6.88
CA MET A 53 -31.91 -4.33 7.58
C MET A 53 -31.89 -2.82 7.40
N ARG A 54 -32.33 -2.31 6.25
CA ARG A 54 -32.34 -0.86 6.07
C ARG A 54 -33.40 -0.21 6.95
N ILE A 55 -34.54 -0.87 7.14
CA ILE A 55 -35.53 -0.40 8.10
C ILE A 55 -34.95 -0.39 9.50
N ILE A 56 -34.19 -1.44 9.84
CA ILE A 56 -33.55 -1.50 11.16
C ILE A 56 -32.56 -0.36 11.32
N HIS A 57 -31.76 -0.09 10.28
CA HIS A 57 -30.72 0.92 10.37
C HIS A 57 -31.32 2.32 10.46
N VAL A 58 -32.26 2.65 9.58
CA VAL A 58 -32.86 3.98 9.57
C VAL A 58 -33.73 4.19 10.80
N ASN A 59 -34.56 3.20 11.13
CA ASN A 59 -35.49 3.28 12.25
C ASN A 59 -36.39 4.50 12.15
N LYS A 182 -25.28 0.57 -11.50
CA LYS A 182 -24.08 0.96 -10.78
C LYS A 182 -22.95 -0.05 -10.93
N GLY A 183 -23.24 -1.33 -10.75
CA GLY A 183 -22.20 -2.34 -10.64
C GLY A 183 -22.25 -3.01 -9.28
N ILE A 184 -21.21 -2.84 -8.46
CA ILE A 184 -21.33 -3.23 -7.06
C ILE A 184 -22.17 -2.24 -6.30
N HIS A 185 -23.08 -2.76 -5.49
CA HIS A 185 -23.89 -1.96 -4.58
C HIS A 185 -23.32 -2.10 -3.16
N GLU A 186 -22.32 -1.30 -2.86
CA GLU A 186 -21.81 -1.25 -1.50
C GLU A 186 -22.86 -0.65 -0.57
N TYR A 187 -23.13 -1.33 0.53
CA TYR A 187 -24.00 -0.81 1.59
C TYR A 187 -23.16 -0.67 2.85
N ASP A 188 -23.26 0.49 3.49
CA ASP A 188 -22.48 0.78 4.68
C ASP A 188 -23.41 0.91 5.88
N PHE A 189 -23.10 0.21 6.95
CA PHE A 189 -23.93 0.26 8.14
C PHE A 189 -23.10 -0.08 9.37
N GLU A 190 -23.76 -0.08 10.51
CA GLU A 190 -23.15 -0.42 11.79
C GLU A 190 -24.11 -1.30 12.55
N ILE A 191 -23.59 -2.37 13.15
CA ILE A 191 -24.43 -3.27 13.91
C ILE A 191 -24.35 -3.00 15.40
N LYS A 192 -23.13 -2.85 15.92
CA LYS A 192 -22.91 -2.49 17.31
C LYS A 192 -21.73 -1.53 17.41
N ASN A 193 -21.78 -0.45 16.62
CA ASN A 193 -20.70 0.53 16.51
C ASN A 193 -19.46 -0.07 15.84
N VAL A 194 -19.68 -0.94 14.86
CA VAL A 194 -18.61 -1.56 14.09
C VAL A 194 -18.87 -1.25 12.62
N PRO A 195 -17.89 -0.72 11.89
CA PRO A 195 -18.13 -0.42 10.47
C PRO A 195 -18.32 -1.70 9.67
N PHE A 196 -19.43 -1.75 8.94
CA PHE A 196 -19.78 -2.91 8.13
C PHE A 196 -20.03 -2.45 6.70
N LYS A 197 -19.50 -3.20 5.76
CA LYS A 197 -19.71 -2.95 4.34
C LYS A 197 -20.17 -4.25 3.71
N MET A 198 -21.37 -4.25 3.14
CA MET A 198 -21.92 -5.40 2.44
C MET A 198 -21.86 -5.11 0.95
N VAL A 199 -21.21 -6.01 0.20
CA VAL A 199 -20.76 -5.66 -1.14
C VAL A 199 -21.87 -5.83 -2.17
N ASP A 200 -22.47 -7.01 -2.25
CA ASP A 200 -23.64 -7.26 -3.10
C ASP A 200 -23.32 -6.93 -4.56
N VAL A 201 -22.46 -7.75 -5.15
CA VAL A 201 -22.14 -7.63 -6.56
C VAL A 201 -23.14 -8.43 -7.39
N SER A 206 -23.54 -16.46 -14.94
CA SER A 206 -22.47 -16.39 -15.93
C SER A 206 -21.18 -17.01 -15.40
N GLU A 207 -20.10 -16.26 -15.48
CA GLU A 207 -18.79 -16.70 -14.99
C GLU A 207 -18.27 -15.63 -14.04
N ARG A 208 -17.71 -16.06 -12.92
CA ARG A 208 -17.10 -15.17 -11.94
C ARG A 208 -15.78 -15.68 -11.39
N LYS A 209 -14.70 -15.52 -12.18
CA LYS A 209 -13.45 -16.18 -11.81
C LYS A 209 -12.25 -15.31 -11.47
N ARG A 210 -11.96 -14.28 -12.26
CA ARG A 210 -10.74 -13.52 -12.03
C ARG A 210 -10.99 -12.31 -11.16
N TRP A 211 -11.93 -11.46 -11.56
CA TRP A 211 -12.31 -10.31 -10.78
C TRP A 211 -12.86 -10.70 -9.41
N PHE A 212 -13.48 -11.85 -9.30
CA PHE A 212 -14.12 -12.29 -8.06
C PHE A 212 -13.04 -12.84 -7.13
N GLU A 213 -11.99 -12.05 -6.97
CA GLU A 213 -10.83 -12.44 -6.19
C GLU A 213 -10.41 -11.26 -5.33
N CYS A 214 -10.90 -10.08 -5.67
CA CYS A 214 -10.71 -8.92 -4.83
C CYS A 214 -11.51 -9.02 -3.54
N PHE A 215 -12.40 -10.01 -3.43
CA PHE A 215 -13.21 -10.22 -2.23
C PHE A 215 -12.58 -11.22 -1.28
N ASP A 216 -11.30 -11.54 -1.46
CA ASP A 216 -10.59 -12.37 -0.49
C ASP A 216 -10.22 -11.58 0.76
N SER A 217 -10.42 -10.27 0.75
CA SER A 217 -10.17 -9.44 1.90
C SER A 217 -11.38 -9.30 2.81
N VAL A 218 -12.49 -9.93 2.47
CA VAL A 218 -13.72 -9.75 3.23
C VAL A 218 -13.72 -10.69 4.42
N THR A 219 -14.43 -10.26 5.46
CA THR A 219 -14.57 -11.10 6.65
C THR A 219 -15.54 -12.23 6.42
N SER A 220 -16.64 -11.99 5.71
CA SER A 220 -17.66 -13.04 5.62
C SER A 220 -18.35 -13.01 4.27
N ILE A 221 -19.11 -14.07 4.02
CA ILE A 221 -19.95 -14.20 2.84
C ILE A 221 -21.34 -14.61 3.29
N LEU A 222 -22.28 -13.67 3.26
CA LEU A 222 -23.66 -13.92 3.64
C LEU A 222 -24.37 -14.51 2.44
N PHE A 223 -24.77 -15.77 2.56
CA PHE A 223 -25.29 -16.53 1.42
C PHE A 223 -26.76 -16.79 1.74
N LEU A 224 -27.63 -16.04 1.07
CA LEU A 224 -29.07 -16.10 1.32
C LEU A 224 -29.72 -17.03 0.31
N VAL A 225 -30.32 -18.11 0.80
CA VAL A 225 -31.15 -18.96 -0.04
C VAL A 225 -32.42 -19.33 0.70
N SER A 226 -33.47 -19.58 -0.08
CA SER A 226 -34.78 -19.86 0.44
C SER A 226 -34.99 -21.36 0.52
N SER A 227 -35.46 -21.82 1.67
CA SER A 227 -35.65 -23.24 1.92
C SER A 227 -37.00 -23.74 1.43
N SER A 228 -37.75 -22.94 0.66
CA SER A 228 -39.08 -23.30 0.21
C SER A 228 -39.14 -23.29 -1.31
N GLU A 229 -38.03 -23.61 -1.95
CA GLU A 229 -37.98 -23.66 -3.41
C GLU A 229 -36.84 -24.58 -3.87
N PHE A 230 -37.17 -25.80 -4.25
CA PHE A 230 -36.16 -26.74 -4.73
C PHE A 230 -36.56 -27.41 -6.03
N LEU A 243 -32.97 -26.73 -5.47
CA LEU A 243 -31.83 -26.13 -4.77
C LEU A 243 -30.53 -26.76 -5.25
N THR A 244 -30.60 -27.51 -6.35
CA THR A 244 -29.39 -28.06 -6.94
C THR A 244 -28.47 -26.95 -7.43
N GLU A 245 -29.02 -25.92 -8.06
CA GLU A 245 -28.22 -24.80 -8.53
C GLU A 245 -27.60 -24.03 -7.36
N SER A 246 -28.38 -23.78 -6.31
CA SER A 246 -27.85 -23.10 -5.14
C SER A 246 -26.74 -23.91 -4.50
N LEU A 247 -26.92 -25.24 -4.43
CA LEU A 247 -25.89 -26.11 -3.87
C LEU A 247 -24.63 -26.08 -4.72
N ASN A 248 -24.77 -26.10 -6.04
CA ASN A 248 -23.60 -26.10 -6.92
C ASN A 248 -22.85 -24.78 -6.82
N ILE A 249 -23.57 -23.67 -6.78
CA ILE A 249 -22.92 -22.36 -6.61
C ILE A 249 -22.21 -22.30 -5.26
N PHE A 250 -22.87 -22.80 -4.21
CA PHE A 250 -22.22 -22.90 -2.90
C PHE A 250 -20.92 -23.69 -3.00
N GLU A 251 -20.96 -24.83 -3.66
CA GLU A 251 -19.77 -25.68 -3.77
C GLU A 251 -18.65 -24.96 -4.51
N THR A 252 -18.99 -24.23 -5.57
CA THR A 252 -17.96 -23.47 -6.28
C THR A 252 -17.38 -22.37 -5.40
N ILE A 253 -18.24 -21.70 -4.63
CA ILE A 253 -17.78 -20.61 -3.77
C ILE A 253 -16.82 -21.12 -2.70
N VAL A 254 -17.22 -22.18 -1.99
CA VAL A 254 -16.56 -22.55 -0.75
C VAL A 254 -15.20 -23.18 -1.02
N ASN A 255 -15.06 -23.91 -2.12
CA ASN A 255 -13.83 -24.63 -2.40
C ASN A 255 -12.78 -23.73 -3.05
N ASN A 256 -13.11 -22.48 -3.33
CA ASN A 256 -12.15 -21.57 -3.94
C ASN A 256 -11.09 -21.16 -2.94
N ARG A 257 -9.84 -21.16 -3.36
CA ARG A 257 -8.75 -20.70 -2.49
C ARG A 257 -8.86 -19.21 -2.18
N VAL A 258 -9.65 -18.48 -2.96
CA VAL A 258 -9.91 -17.08 -2.67
C VAL A 258 -10.59 -16.93 -1.31
N PHE A 259 -11.41 -17.91 -0.95
CA PHE A 259 -12.33 -17.82 0.17
C PHE A 259 -11.86 -18.65 1.36
N SER A 260 -10.60 -19.09 1.34
CA SER A 260 -10.10 -19.94 2.42
C SER A 260 -10.06 -19.21 3.75
N ASN A 261 -9.67 -17.93 3.74
CA ASN A 261 -9.65 -17.11 4.94
C ASN A 261 -10.95 -16.35 5.13
N VAL A 262 -12.02 -16.74 4.46
CA VAL A 262 -13.31 -16.07 4.51
C VAL A 262 -14.35 -17.04 5.02
N SER A 263 -15.03 -16.68 6.10
CA SER A 263 -16.10 -17.51 6.62
C SER A 263 -17.39 -17.27 5.86
N ILE A 264 -18.35 -18.18 6.03
CA ILE A 264 -19.57 -18.18 5.27
C ILE A 264 -20.75 -18.27 6.22
N ILE A 265 -21.74 -17.41 6.03
CA ILE A 265 -22.92 -17.36 6.86
C ILE A 265 -24.11 -17.77 6.00
N LEU A 266 -24.56 -19.01 6.15
CA LEU A 266 -25.64 -19.58 5.35
C LEU A 266 -26.97 -19.20 5.94
N PHE A 267 -27.58 -18.16 5.39
CA PHE A 267 -28.96 -17.88 5.77
C PHE A 267 -29.90 -18.69 4.92
N LEU A 268 -30.76 -19.43 5.59
CA LEU A 268 -31.85 -20.16 5.00
C LEU A 268 -33.10 -19.40 5.41
N ASN A 269 -33.61 -18.54 4.52
CA ASN A 269 -34.76 -17.71 4.84
C ASN A 269 -36.02 -18.32 4.23
N LYS A 270 -37.13 -17.59 4.34
CA LYS A 270 -38.44 -18.07 3.92
C LYS A 270 -38.75 -19.43 4.53
N THR A 271 -38.34 -19.61 5.79
CA THR A 271 -38.61 -20.86 6.48
C THR A 271 -40.08 -21.00 6.84
N ASP A 272 -40.81 -19.89 6.99
CA ASP A 272 -42.25 -19.99 7.15
C ASP A 272 -42.88 -20.62 5.92
N LEU A 273 -42.41 -20.22 4.74
CA LEU A 273 -42.88 -20.84 3.51
C LEU A 273 -42.52 -22.32 3.48
N LEU A 274 -41.35 -22.69 4.00
CA LEU A 274 -40.98 -24.10 4.06
C LEU A 274 -41.91 -24.87 5.00
N GLU A 275 -42.22 -24.30 6.17
CA GLU A 275 -43.11 -24.96 7.11
C GLU A 275 -44.49 -25.16 6.49
N GLU A 276 -45.01 -24.13 5.83
CA GLU A 276 -46.31 -24.26 5.18
C GLU A 276 -46.27 -25.28 4.05
N LYS A 277 -45.22 -25.27 3.24
CA LYS A 277 -45.07 -26.23 2.18
C LYS A 277 -45.00 -27.66 2.70
N VAL A 278 -44.42 -27.86 3.88
CA VAL A 278 -44.36 -29.21 4.45
C VAL A 278 -45.71 -29.60 5.05
N GLN A 279 -46.34 -28.69 5.79
CA GLN A 279 -47.62 -28.99 6.44
C GLN A 279 -48.69 -29.29 5.41
N ILE A 280 -49.02 -28.30 4.58
CA ILE A 280 -49.90 -28.55 3.44
C ILE A 280 -49.24 -29.58 2.53
N VAL A 281 -50.06 -30.48 1.97
CA VAL A 281 -49.54 -31.62 1.23
C VAL A 281 -48.82 -31.13 -0.01
N SER A 282 -47.50 -31.28 -0.01
CA SER A 282 -46.65 -30.88 -1.13
C SER A 282 -45.50 -31.87 -1.26
N ILE A 283 -44.92 -31.93 -2.46
CA ILE A 283 -43.84 -32.87 -2.73
C ILE A 283 -42.65 -32.53 -1.86
N LYS A 284 -42.25 -33.48 -1.02
CA LYS A 284 -41.15 -33.20 -0.09
C LYS A 284 -39.84 -33.78 -0.61
N ASP A 285 -38.74 -33.20 -0.10
CA ASP A 285 -37.41 -33.47 -0.61
C ASP A 285 -37.12 -34.96 -0.58
N TYR A 286 -36.57 -35.50 -1.65
CA TYR A 286 -36.53 -36.94 -1.84
C TYR A 286 -35.18 -37.39 -2.41
N PHE A 287 -35.07 -38.71 -2.58
CA PHE A 287 -34.00 -39.41 -3.29
C PHE A 287 -32.75 -39.56 -2.44
N LEU A 288 -32.60 -38.76 -1.38
CA LEU A 288 -31.67 -39.10 -0.30
C LEU A 288 -32.24 -38.80 1.08
N GLU A 289 -33.44 -38.23 1.16
CA GLU A 289 -33.97 -37.75 2.43
C GLU A 289 -34.50 -38.94 3.23
N PHE A 290 -33.60 -39.62 3.93
CA PHE A 290 -33.97 -40.77 4.76
C PHE A 290 -34.38 -40.34 6.16
N GLU A 291 -35.28 -39.37 6.21
CA GLU A 291 -35.68 -38.77 7.48
C GLU A 291 -37.18 -38.55 7.56
N GLY A 292 -37.91 -38.95 6.53
CA GLY A 292 -39.36 -38.87 6.59
C GLY A 292 -39.83 -37.57 6.01
N ASP A 293 -40.49 -37.63 4.86
CA ASP A 293 -40.98 -36.45 4.15
C ASP A 293 -42.03 -35.69 4.95
N PRO A 294 -43.13 -36.33 5.41
CA PRO A 294 -44.19 -35.53 6.04
C PRO A 294 -43.90 -35.18 7.48
N HIS A 295 -42.78 -34.52 7.74
CA HIS A 295 -42.41 -34.17 9.09
C HIS A 295 -43.05 -32.82 9.42
N CYS A 296 -42.79 -32.30 10.63
CA CYS A 296 -43.33 -30.98 10.96
C CYS A 296 -42.43 -29.87 10.44
N LEU A 297 -41.22 -29.74 11.02
CA LEU A 297 -40.26 -28.74 10.55
C LEU A 297 -38.80 -29.17 10.58
N ARG A 298 -38.42 -30.22 11.31
CA ARG A 298 -37.04 -30.43 11.71
C ARG A 298 -36.24 -31.31 10.74
N ASP A 299 -36.79 -32.46 10.35
CA ASP A 299 -36.02 -33.42 9.56
C ASP A 299 -35.65 -32.85 8.19
N VAL A 300 -36.56 -32.13 7.56
CA VAL A 300 -36.26 -31.44 6.30
C VAL A 300 -35.17 -30.40 6.49
N GLN A 301 -35.23 -29.62 7.58
CA GLN A 301 -34.20 -28.62 7.84
C GLN A 301 -32.84 -29.26 8.04
N LYS A 302 -32.80 -30.34 8.80
CA LYS A 302 -31.54 -31.03 9.05
C LYS A 302 -30.98 -31.58 7.75
N PHE A 303 -31.83 -32.14 6.89
CA PHE A 303 -31.33 -32.56 5.59
C PHE A 303 -30.76 -31.41 4.79
N LEU A 304 -31.47 -30.28 4.72
CA LEU A 304 -30.95 -29.13 3.99
C LEU A 304 -29.58 -28.70 4.48
N VAL A 305 -29.41 -28.53 5.79
CA VAL A 305 -28.13 -28.09 6.31
C VAL A 305 -27.05 -29.14 6.10
N GLU A 306 -27.30 -30.39 6.44
CA GLU A 306 -26.29 -31.43 6.26
C GLU A 306 -25.97 -31.64 4.79
N CYS A 307 -26.82 -31.16 3.89
CA CYS A 307 -26.43 -31.05 2.49
C CYS A 307 -25.50 -29.87 2.28
N PHE A 308 -25.71 -28.77 2.99
CA PHE A 308 -24.95 -27.55 2.75
C PHE A 308 -23.58 -27.55 3.42
N ARG A 309 -23.35 -28.43 4.39
CA ARG A 309 -22.07 -28.49 5.07
C ARG A 309 -21.15 -29.56 4.49
N ASN A 310 -21.55 -30.16 3.37
CA ASN A 310 -20.88 -31.33 2.86
C ASN A 310 -19.95 -31.04 1.69
N LYS A 311 -20.01 -29.85 1.10
CA LYS A 311 -19.12 -29.49 0.00
C LYS A 311 -17.91 -28.73 0.50
N ARG A 312 -17.18 -29.33 1.44
CA ARG A 312 -16.00 -28.66 1.96
C ARG A 312 -14.81 -29.61 2.05
N ARG A 313 -13.84 -29.43 1.17
CA ARG A 313 -12.64 -30.23 1.22
C ARG A 313 -11.45 -29.40 1.71
N LYS A 318 -11.97 -22.10 7.74
CA LYS A 318 -12.86 -21.18 8.45
C LYS A 318 -14.23 -21.79 8.53
N PRO A 319 -14.96 -21.52 9.61
CA PRO A 319 -16.22 -22.23 9.87
C PRO A 319 -17.33 -21.81 8.91
N LEU A 320 -18.38 -22.63 8.92
CA LEU A 320 -19.56 -22.42 8.08
C LEU A 320 -20.77 -22.32 8.99
N TYR A 321 -21.20 -21.12 9.29
CA TYR A 321 -22.36 -20.89 10.14
C TYR A 321 -23.62 -21.06 9.32
N HIS A 322 -24.75 -21.09 10.01
CA HIS A 322 -26.03 -21.29 9.36
C HIS A 322 -27.14 -20.86 10.29
N HIS A 323 -28.27 -20.48 9.71
CA HIS A 323 -29.44 -20.02 10.45
C HIS A 323 -30.70 -20.29 9.66
N PHE A 324 -31.83 -20.19 10.35
CA PHE A 324 -33.18 -20.46 9.83
C PHE A 324 -34.11 -19.29 10.09
N THR A 325 -33.68 -18.09 9.74
CA THR A 325 -34.50 -16.91 9.91
C THR A 325 -35.89 -17.09 9.29
N THR A 326 -36.87 -16.40 9.87
CA THR A 326 -38.27 -16.57 9.52
C THR A 326 -38.59 -15.69 8.32
N SER A 327 -39.90 -15.59 8.01
CA SER A 327 -40.38 -15.05 6.73
C SER A 327 -39.61 -13.80 6.32
N ILE A 328 -39.71 -12.72 7.08
CA ILE A 328 -38.82 -11.62 6.79
C ILE A 328 -37.73 -11.86 7.83
N ASN A 329 -37.90 -11.25 9.01
CA ASN A 329 -37.22 -11.68 10.23
C ASN A 329 -37.61 -10.72 11.35
N THR A 330 -37.21 -11.03 12.58
CA THR A 330 -37.25 -10.02 13.63
C THR A 330 -35.89 -9.42 13.98
N GLU A 331 -34.86 -10.26 13.99
CA GLU A 331 -33.49 -9.81 14.23
C GLU A 331 -32.55 -10.41 13.20
N ASN A 332 -31.74 -9.55 12.57
CA ASN A 332 -30.79 -10.04 11.56
C ASN A 332 -29.38 -9.50 11.74
N ILE A 333 -29.19 -8.34 12.35
CA ILE A 333 -27.86 -7.73 12.42
C ILE A 333 -27.08 -8.35 13.58
N ARG A 334 -27.73 -8.58 14.71
CA ARG A 334 -27.10 -9.16 15.87
C ARG A 334 -26.81 -10.64 15.68
N LEU A 335 -27.33 -11.24 14.63
CA LEU A 335 -27.10 -12.65 14.34
C LEU A 335 -26.04 -12.86 13.27
N VAL A 336 -25.72 -11.84 12.48
CA VAL A 336 -24.52 -11.84 11.65
C VAL A 336 -23.31 -11.30 12.41
N PHE A 337 -23.54 -10.39 13.36
CA PHE A 337 -22.47 -9.88 14.19
C PHE A 337 -21.82 -10.99 15.00
N ARG A 338 -22.61 -11.94 15.51
CA ARG A 338 -22.03 -13.05 16.25
C ARG A 338 -21.12 -13.89 15.36
N ASP A 339 -21.57 -14.19 14.15
CA ASP A 339 -20.77 -15.03 13.27
C ASP A 339 -19.48 -14.34 12.88
N VAL A 340 -19.54 -13.03 12.60
CA VAL A 340 -18.33 -12.33 12.23
C VAL A 340 -17.38 -12.20 13.42
N LYS A 341 -17.92 -12.06 14.63
CA LYS A 341 -17.06 -11.96 15.80
C LYS A 341 -16.36 -13.27 16.09
N ASP A 342 -17.07 -14.40 15.96
CA ASP A 342 -16.42 -15.70 16.11
C ASP A 342 -15.37 -15.91 15.03
N THR A 343 -15.66 -15.50 13.80
CA THR A 343 -14.68 -15.59 12.74
C THR A 343 -13.40 -14.85 13.09
N ILE A 344 -13.53 -13.58 13.52
CA ILE A 344 -12.34 -12.79 13.78
C ILE A 344 -11.63 -13.29 15.02
N LEU A 345 -12.37 -13.83 16.00
CA LEU A 345 -11.74 -14.42 17.17
C LEU A 345 -10.89 -15.61 16.81
N HIS A 346 -11.38 -16.45 15.90
CA HIS A 346 -10.58 -17.60 15.49
C HIS A 346 -9.36 -17.16 14.68
N ASP A 347 -9.52 -16.12 13.85
CA ASP A 347 -8.37 -15.59 13.14
C ASP A 347 -7.31 -15.05 14.11
N ASN A 348 -7.75 -14.32 15.14
CA ASN A 348 -6.82 -13.83 16.15
C ASN A 348 -6.12 -14.97 16.87
N LEU A 349 -6.89 -16.01 17.23
CA LEU A 349 -6.30 -17.14 17.92
C LEU A 349 -5.26 -17.84 17.05
N LYS A 350 -5.54 -17.99 15.76
CA LYS A 350 -4.54 -18.57 14.87
C LYS A 350 -3.31 -17.69 14.80
N GLN A 351 -3.49 -16.37 14.73
CA GLN A 351 -2.35 -15.47 14.59
C GLN A 351 -1.47 -15.46 15.84
N LEU A 352 -2.04 -15.81 16.99
CA LEU A 352 -1.28 -15.94 18.22
C LEU A 352 -0.76 -17.35 18.44
N MET A 353 -0.75 -18.18 17.40
CA MET A 353 -0.34 -19.59 17.49
C MET A 353 -0.97 -20.26 18.69
N LEU A 354 -2.22 -19.91 18.97
CA LEU A 354 -2.91 -20.29 20.19
C LEU A 354 -4.26 -20.88 19.79
N GLN A 355 -4.26 -22.18 19.50
CA GLN A 355 -5.47 -22.83 19.01
C GLN A 355 -5.50 -24.30 19.42
N GLU B 8 -30.30 -22.70 -42.41
CA GLU B 8 -29.36 -21.66 -42.81
C GLU B 8 -28.26 -21.50 -41.78
N LEU B 9 -28.61 -21.74 -40.51
CA LEU B 9 -27.62 -21.65 -39.43
C LEU B 9 -26.52 -22.70 -39.61
N ASP B 10 -26.90 -23.92 -40.01
CA ASP B 10 -25.91 -24.96 -40.24
C ASP B 10 -24.97 -24.58 -41.38
N GLN B 11 -25.51 -23.99 -42.45
CA GLN B 11 -24.68 -23.57 -43.57
C GLN B 11 -23.66 -22.54 -43.13
N LEU B 12 -24.09 -21.56 -42.33
CA LEU B 12 -23.17 -20.53 -41.86
C LEU B 12 -22.13 -21.12 -40.91
N ARG B 13 -22.52 -22.08 -40.07
CA ARG B 13 -21.55 -22.73 -39.20
C ARG B 13 -20.51 -23.49 -40.02
N GLN B 14 -20.94 -24.18 -41.08
CA GLN B 14 -19.98 -24.87 -41.95
C GLN B 14 -19.05 -23.87 -42.63
N GLU B 15 -19.58 -22.74 -43.08
CA GLU B 15 -18.74 -21.71 -43.68
C GLU B 15 -17.72 -21.18 -42.68
N ALA B 16 -18.14 -20.97 -41.43
CA ALA B 16 -17.21 -20.51 -40.41
C ALA B 16 -16.12 -21.53 -40.13
N GLU B 17 -16.48 -22.81 -40.09
CA GLU B 17 -15.48 -23.86 -39.89
C GLU B 17 -14.48 -23.89 -41.05
N GLN B 18 -14.98 -23.75 -42.28
CA GLN B 18 -14.09 -23.71 -43.44
C GLN B 18 -13.14 -22.52 -43.36
N LEU B 19 -13.66 -21.35 -42.96
CA LEU B 19 -12.80 -20.18 -42.85
C LEU B 19 -11.75 -20.35 -41.76
N LYS B 20 -12.13 -20.97 -40.63
CA LYS B 20 -11.16 -21.22 -39.57
C LYS B 20 -10.09 -22.19 -40.04
N ASN B 21 -10.47 -23.21 -40.81
CA ASN B 21 -9.47 -24.12 -41.38
C ASN B 21 -8.54 -23.39 -42.33
N GLN B 22 -9.09 -22.47 -43.14
CA GLN B 22 -8.26 -21.68 -44.03
C GLN B 22 -7.26 -20.83 -43.25
N ILE B 23 -7.71 -20.19 -42.17
CA ILE B 23 -6.82 -19.36 -41.38
C ILE B 23 -5.73 -20.21 -40.72
N ARG B 24 -6.10 -21.39 -40.22
CA ARG B 24 -5.11 -22.28 -39.64
C ARG B 24 -4.06 -22.70 -40.65
N ASP B 25 -4.50 -23.05 -41.86
CA ASP B 25 -3.55 -23.43 -42.91
C ASP B 25 -2.66 -22.26 -43.29
N ALA B 26 -3.22 -21.05 -43.38
CA ALA B 26 -2.43 -19.87 -43.71
C ALA B 26 -1.35 -19.62 -42.67
N ARG B 27 -1.70 -19.75 -41.38
CA ARG B 27 -0.69 -19.54 -40.34
C ARG B 27 0.32 -20.66 -40.29
N LYS B 28 -0.08 -21.89 -40.66
CA LYS B 28 0.90 -22.97 -40.76
C LYS B 28 1.85 -22.76 -41.93
N ALA B 29 1.38 -22.09 -42.99
CA ALA B 29 2.22 -21.88 -44.18
C ALA B 29 3.41 -20.99 -43.86
N CYS B 30 3.16 -19.84 -43.24
CA CYS B 30 4.22 -18.86 -43.02
C CYS B 30 5.24 -19.31 -41.98
N ALA B 31 4.98 -20.37 -41.23
CA ALA B 31 5.89 -20.84 -40.18
C ALA B 31 7.03 -21.63 -40.82
N ASP B 32 7.91 -20.91 -41.52
CA ASP B 32 9.05 -21.55 -42.15
C ASP B 32 10.02 -22.11 -41.13
N ALA B 33 10.25 -21.37 -40.04
CA ALA B 33 11.15 -21.83 -38.99
C ALA B 33 10.74 -21.19 -37.67
N THR B 34 10.88 -21.95 -36.61
CA THR B 34 10.53 -21.48 -35.27
C THR B 34 11.47 -20.37 -34.85
N LEU B 35 10.92 -19.43 -34.06
CA LEU B 35 11.73 -18.30 -33.61
C LEU B 35 12.96 -18.75 -32.83
N SER B 36 12.85 -19.86 -32.09
CA SER B 36 13.99 -20.34 -31.33
C SER B 36 15.17 -20.71 -32.22
N GLN B 37 14.89 -21.32 -33.38
CA GLN B 37 15.97 -21.73 -34.27
C GLN B 37 16.79 -20.56 -34.77
N ILE B 38 16.16 -19.45 -35.14
CA ILE B 38 16.91 -18.29 -35.60
C ILE B 38 17.63 -17.61 -34.43
N THR B 39 17.33 -17.99 -33.20
CA THR B 39 17.98 -17.40 -32.03
C THR B 39 19.05 -18.30 -31.42
N ASN B 40 19.42 -19.39 -32.09
CA ASN B 40 20.42 -20.28 -31.50
C ASN B 40 21.83 -19.74 -31.62
N ASN B 41 22.02 -18.48 -31.97
CA ASN B 41 23.35 -17.90 -32.12
C ASN B 41 23.48 -16.53 -31.49
N ILE B 42 22.61 -16.18 -30.54
CA ILE B 42 22.62 -14.87 -29.93
C ILE B 42 23.18 -14.99 -28.52
N ASP B 43 24.06 -14.06 -28.16
CA ASP B 43 24.70 -14.06 -26.85
C ASP B 43 23.65 -13.89 -25.77
N PRO B 44 23.46 -14.88 -24.89
CA PRO B 44 22.50 -14.70 -23.79
C PRO B 44 22.93 -13.49 -22.98
N VAL B 45 21.95 -12.83 -22.36
CA VAL B 45 22.27 -11.67 -21.54
C VAL B 45 22.72 -12.07 -20.14
N GLY B 46 22.66 -13.35 -19.81
CA GLY B 46 23.16 -13.79 -18.53
C GLY B 46 22.23 -13.41 -17.39
N ARG B 47 22.80 -13.44 -16.18
CA ARG B 47 22.05 -13.14 -14.97
C ARG B 47 22.00 -11.62 -14.79
N ILE B 48 20.80 -11.06 -14.81
CA ILE B 48 20.60 -9.64 -14.61
C ILE B 48 20.01 -9.47 -13.23
N GLN B 49 20.82 -9.04 -12.28
CA GLN B 49 20.40 -8.89 -10.90
C GLN B 49 20.05 -7.43 -10.68
N MET B 50 18.76 -7.16 -10.46
CA MET B 50 18.29 -5.80 -10.23
C MET B 50 17.92 -5.66 -8.76
N ARG B 51 18.36 -4.58 -8.15
CA ARG B 51 18.11 -4.32 -6.74
C ARG B 51 16.98 -3.30 -6.59
N THR B 52 16.53 -3.16 -5.36
CA THR B 52 15.47 -2.22 -5.04
C THR B 52 16.10 -0.87 -4.72
N ARG B 53 16.17 0.00 -5.73
CA ARG B 53 16.68 1.35 -5.49
C ARG B 53 15.72 2.18 -4.65
N ARG B 54 14.42 2.02 -4.87
CA ARG B 54 13.41 2.74 -4.12
C ARG B 54 12.28 1.78 -3.80
N THR B 55 11.74 1.90 -2.58
CA THR B 55 10.55 1.17 -2.17
C THR B 55 9.47 2.20 -1.89
N LEU B 56 8.48 2.26 -2.77
CA LEU B 56 7.40 3.24 -2.68
C LEU B 56 6.32 2.65 -1.81
N ARG B 57 6.36 2.95 -0.52
CA ARG B 57 5.38 2.44 0.43
C ARG B 57 4.33 3.51 0.74
N GLY B 58 3.16 3.06 1.15
CA GLY B 58 2.08 3.97 1.46
C GLY B 58 0.69 3.48 1.10
N HIS B 59 0.57 2.60 0.12
CA HIS B 59 -0.73 2.03 -0.20
C HIS B 59 -1.20 1.14 0.95
N LEU B 60 -2.49 1.20 1.23
CA LEU B 60 -3.06 0.56 2.40
C LEU B 60 -3.56 -0.84 2.14
N ALA B 61 -3.54 -1.30 0.89
CA ALA B 61 -4.11 -2.58 0.52
C ALA B 61 -3.44 -3.04 -0.76
N LYS B 62 -4.03 -4.05 -1.38
CA LYS B 62 -3.45 -4.62 -2.59
C LYS B 62 -3.33 -3.58 -3.69
N ILE B 63 -2.15 -3.51 -4.30
CA ILE B 63 -1.94 -2.68 -5.48
C ILE B 63 -2.37 -3.49 -6.69
N TYR B 64 -3.28 -2.93 -7.50
CA TYR B 64 -3.82 -3.67 -8.62
C TYR B 64 -3.31 -3.19 -9.97
N ALA B 65 -2.85 -1.95 -10.07
CA ALA B 65 -2.32 -1.43 -11.32
C ALA B 65 -1.35 -0.30 -11.04
N MET B 66 -0.54 0.02 -12.04
CA MET B 66 0.52 1.00 -11.95
C MET B 66 0.78 1.51 -13.35
N HIS B 67 1.29 2.74 -13.45
CA HIS B 67 1.59 3.32 -14.74
C HIS B 67 2.67 4.38 -14.57
N TRP B 68 3.59 4.44 -15.53
CA TRP B 68 4.67 5.40 -15.53
C TRP B 68 4.26 6.66 -16.29
N GLY B 69 4.95 7.74 -16.01
CA GLY B 69 4.84 8.93 -16.81
C GLY B 69 5.73 8.90 -18.01
N THR B 70 5.46 9.81 -18.94
CA THR B 70 6.34 9.95 -20.09
C THR B 70 7.64 10.64 -19.76
N ASP B 71 7.74 11.27 -18.59
CA ASP B 71 9.01 11.81 -18.12
C ASP B 71 9.86 10.75 -17.44
N SER B 72 9.34 9.52 -17.34
CA SER B 72 10.05 8.38 -16.77
C SER B 72 10.40 8.58 -15.30
N ARG B 73 9.75 9.54 -14.66
CA ARG B 73 10.01 9.86 -13.26
C ARG B 73 8.77 9.82 -12.40
N LEU B 74 7.63 10.29 -12.91
CA LEU B 74 6.39 10.23 -12.17
C LEU B 74 5.69 8.90 -12.42
N LEU B 75 4.91 8.46 -11.44
CA LEU B 75 4.34 7.13 -11.47
C LEU B 75 3.00 7.12 -10.76
N VAL B 76 1.94 6.66 -11.43
CA VAL B 76 0.64 6.52 -10.80
C VAL B 76 0.43 5.06 -10.43
N SER B 77 0.16 4.82 -9.16
CA SER B 77 -0.16 3.50 -8.64
C SER B 77 -1.54 3.54 -8.03
N ALA B 78 -2.18 2.38 -7.96
CA ALA B 78 -3.61 2.35 -7.71
C ALA B 78 -3.96 1.10 -6.92
N SER B 79 -4.60 1.28 -5.76
CA SER B 79 -4.81 0.15 -4.86
C SER B 79 -6.27 0.05 -4.45
N GLN B 80 -6.61 -1.11 -3.89
CA GLN B 80 -7.97 -1.48 -3.55
C GLN B 80 -8.53 -0.68 -2.38
N ASP B 81 -7.70 0.04 -1.64
CA ASP B 81 -8.22 0.87 -0.55
C ASP B 81 -8.89 2.13 -1.06
N GLY B 82 -9.03 2.28 -2.38
CA GLY B 82 -9.65 3.46 -2.94
C GLY B 82 -8.72 4.60 -3.25
N LYS B 83 -7.41 4.38 -3.21
CA LYS B 83 -6.44 5.43 -3.45
C LYS B 83 -5.71 5.25 -4.76
N LEU B 84 -5.29 6.38 -5.31
CA LEU B 84 -4.58 6.49 -6.58
C LEU B 84 -3.45 7.49 -6.33
N ILE B 85 -2.25 7.00 -6.06
CA ILE B 85 -1.15 7.85 -5.61
C ILE B 85 -0.19 8.11 -6.77
N ILE B 86 0.22 9.36 -6.93
CA ILE B 86 1.25 9.74 -7.88
C ILE B 86 2.54 9.99 -7.12
N TRP B 87 3.53 9.15 -7.39
CA TRP B 87 4.85 9.15 -6.78
C TRP B 87 5.87 9.82 -7.70
N ASP B 88 6.89 10.39 -7.07
CA ASP B 88 8.14 10.74 -7.71
C ASP B 88 9.07 9.55 -7.53
N SER B 89 9.40 8.87 -8.63
CA SER B 89 10.23 7.68 -8.52
C SER B 89 11.64 8.01 -8.03
N TYR B 90 12.15 9.19 -8.37
CA TYR B 90 13.52 9.54 -8.01
C TYR B 90 13.66 9.76 -6.52
N THR B 91 12.70 10.44 -5.91
CA THR B 91 12.80 10.86 -4.52
C THR B 91 11.81 10.16 -3.59
N THR B 92 11.06 9.18 -4.07
CA THR B 92 10.02 8.48 -3.29
C THR B 92 9.04 9.47 -2.68
N ASN B 93 8.76 10.55 -3.39
CA ASN B 93 7.85 11.57 -2.91
C ASN B 93 6.46 11.30 -3.45
N LYS B 94 5.45 11.44 -2.60
CA LYS B 94 4.08 11.36 -3.04
C LYS B 94 3.66 12.72 -3.59
N VAL B 95 3.58 12.82 -4.91
CA VAL B 95 3.14 14.06 -5.53
C VAL B 95 1.66 14.28 -5.31
N HIS B 96 0.86 13.25 -5.51
CA HIS B 96 -0.59 13.36 -5.33
C HIS B 96 -1.14 12.13 -4.64
N ALA B 97 -2.30 12.30 -4.00
CA ALA B 97 -3.09 11.20 -3.47
C ALA B 97 -4.54 11.46 -3.85
N ILE B 98 -5.06 10.70 -4.80
CA ILE B 98 -6.41 10.90 -5.33
C ILE B 98 -7.32 9.83 -4.72
N PRO B 99 -8.30 10.21 -3.91
CA PRO B 99 -9.25 9.22 -3.39
C PRO B 99 -10.34 8.91 -4.39
N LEU B 100 -10.55 7.61 -4.63
CA LEU B 100 -11.48 7.15 -5.65
C LEU B 100 -12.87 6.98 -5.05
N ARG B 101 -13.87 7.14 -5.92
CA ARG B 101 -15.27 7.03 -5.50
C ARG B 101 -15.73 5.58 -5.40
N SER B 102 -15.09 4.66 -6.11
CA SER B 102 -15.37 3.23 -6.00
C SER B 102 -14.07 2.52 -5.68
N SER B 103 -14.03 1.80 -4.57
CA SER B 103 -12.80 1.14 -4.17
C SER B 103 -12.51 -0.07 -5.05
N TRP B 104 -13.53 -0.71 -5.58
CA TRP B 104 -13.35 -1.90 -6.40
C TRP B 104 -12.92 -1.49 -7.80
N VAL B 105 -11.65 -1.12 -7.88
CA VAL B 105 -11.05 -0.51 -9.05
C VAL B 105 -9.81 -1.31 -9.41
N MET B 106 -9.65 -1.62 -10.70
CA MET B 106 -8.65 -2.59 -11.12
C MET B 106 -7.78 -2.09 -12.28
N THR B 107 -7.74 -0.78 -12.52
CA THR B 107 -6.84 -0.26 -13.54
C THR B 107 -6.49 1.19 -13.22
N CYS B 108 -5.42 1.66 -13.86
CA CYS B 108 -5.04 3.06 -13.82
C CYS B 108 -4.26 3.37 -15.09
N ALA B 109 -4.20 4.66 -15.43
CA ALA B 109 -3.43 5.12 -16.56
C ALA B 109 -2.92 6.51 -16.27
N TYR B 110 -1.87 6.92 -17.00
CA TYR B 110 -1.28 8.23 -16.81
C TYR B 110 -1.18 8.86 -18.19
N ALA B 111 -1.76 10.03 -18.37
CA ALA B 111 -1.85 10.63 -19.70
C ALA B 111 -0.46 10.91 -20.25
N PRO B 112 -0.28 10.77 -21.56
CA PRO B 112 1.03 11.06 -22.15
C PRO B 112 1.48 12.49 -21.92
N SER B 113 0.55 13.43 -21.90
CA SER B 113 0.87 14.83 -21.63
C SER B 113 1.08 15.11 -20.14
N GLY B 114 0.67 14.19 -19.28
CA GLY B 114 0.83 14.36 -17.86
C GLY B 114 -0.25 15.18 -17.19
N ASN B 115 -1.22 15.68 -17.95
CA ASN B 115 -2.28 16.46 -17.36
C ASN B 115 -3.38 15.60 -16.77
N TYR B 116 -3.42 14.31 -17.10
CA TYR B 116 -4.55 13.48 -16.74
C TYR B 116 -4.09 12.11 -16.26
N VAL B 117 -4.91 11.51 -15.40
CA VAL B 117 -4.79 10.10 -15.07
C VAL B 117 -6.17 9.46 -15.26
N ALA B 118 -6.18 8.13 -15.33
CA ALA B 118 -7.42 7.40 -15.51
C ALA B 118 -7.49 6.25 -14.50
N CYS B 119 -8.70 5.83 -14.21
CA CYS B 119 -8.93 4.68 -13.34
C CYS B 119 -10.29 4.09 -13.66
N GLY B 120 -10.53 2.88 -13.17
CA GLY B 120 -11.80 2.23 -13.40
C GLY B 120 -11.79 0.81 -12.88
N GLY B 121 -12.98 0.27 -12.73
CA GLY B 121 -13.10 -1.05 -12.13
C GLY B 121 -14.50 -1.61 -12.07
N LEU B 122 -14.89 -2.12 -10.91
CA LEU B 122 -16.16 -2.81 -10.78
C LEU B 122 -17.36 -1.88 -10.82
N ASP B 123 -17.15 -0.56 -10.83
CA ASP B 123 -18.25 0.37 -11.00
C ASP B 123 -18.64 0.57 -12.46
N ASN B 124 -17.95 -0.09 -13.39
CA ASN B 124 -18.19 -0.01 -14.83
C ASN B 124 -17.94 1.38 -15.40
N ILE B 125 -17.19 2.22 -14.69
CA ILE B 125 -16.97 3.60 -15.07
C ILE B 125 -15.48 3.82 -15.25
N CYS B 126 -15.11 4.59 -16.27
CA CYS B 126 -13.74 5.04 -16.44
C CYS B 126 -13.65 6.50 -16.01
N SER B 127 -13.01 6.75 -14.88
CA SER B 127 -12.89 8.09 -14.35
C SER B 127 -11.57 8.70 -14.78
N ILE B 128 -11.65 9.90 -15.36
CA ILE B 128 -10.51 10.63 -15.89
C ILE B 128 -10.33 11.88 -15.03
N TYR B 129 -9.15 12.01 -14.43
CA TYR B 129 -8.82 13.04 -13.47
C TYR B 129 -7.84 14.04 -14.07
N ASN B 130 -8.08 15.32 -13.80
CA ASN B 130 -7.23 16.42 -14.23
C ASN B 130 -6.19 16.70 -13.16
N LEU B 131 -4.92 16.55 -13.51
CA LEU B 131 -3.83 16.78 -12.56
C LEU B 131 -3.44 18.24 -12.44
N LYS B 132 -3.47 18.97 -13.54
CA LYS B 132 -3.01 20.35 -13.58
C LYS B 132 -4.24 21.25 -13.73
N THR B 133 -4.80 21.65 -12.61
CA THR B 133 -5.92 22.58 -12.55
C THR B 133 -5.48 23.85 -11.84
N ARG B 134 -6.15 24.96 -12.15
CA ARG B 134 -5.84 26.20 -11.46
C ARG B 134 -6.13 26.09 -9.97
N GLU B 135 -7.18 25.37 -9.60
CA GLU B 135 -7.60 25.24 -8.21
C GLU B 135 -6.65 24.37 -7.39
N GLY B 136 -5.73 23.64 -8.03
CA GLY B 136 -4.67 22.97 -7.31
C GLY B 136 -4.98 21.59 -6.82
N ASN B 137 -6.23 21.14 -6.90
CA ASN B 137 -6.59 19.79 -6.54
C ASN B 137 -6.85 18.96 -7.80
N VAL B 138 -6.66 17.66 -7.69
CA VAL B 138 -6.93 16.75 -8.78
C VAL B 138 -8.42 16.41 -8.75
N ARG B 139 -9.17 16.95 -9.70
CA ARG B 139 -10.60 16.76 -9.77
C ARG B 139 -10.95 15.79 -10.89
N VAL B 140 -12.16 15.25 -10.82
CA VAL B 140 -12.64 14.30 -11.83
C VAL B 140 -13.03 15.10 -13.07
N SER B 141 -12.24 14.96 -14.13
CA SER B 141 -12.62 15.61 -15.38
C SER B 141 -13.86 14.96 -15.97
N ARG B 142 -13.90 13.63 -16.01
CA ARG B 142 -15.10 13.00 -16.57
C ARG B 142 -15.25 11.56 -16.08
N GLU B 143 -16.51 11.17 -15.84
CA GLU B 143 -16.88 9.78 -15.64
C GLU B 143 -17.44 9.25 -16.95
N LEU B 144 -16.78 8.25 -17.52
CA LEU B 144 -17.21 7.66 -18.78
C LEU B 144 -18.00 6.40 -18.48
N ALA B 145 -19.21 6.35 -19.01
CA ALA B 145 -20.21 5.34 -18.71
C ALA B 145 -20.69 4.69 -19.99
N GLY B 146 -21.09 3.43 -19.88
CA GLY B 146 -21.62 2.74 -21.03
C GLY B 146 -21.25 1.28 -21.09
N HIS B 147 -20.29 0.87 -20.28
CA HIS B 147 -19.91 -0.54 -20.23
C HIS B 147 -20.85 -1.30 -19.31
N THR B 148 -21.33 -2.44 -19.79
CA THR B 148 -22.24 -3.26 -19.01
C THR B 148 -21.52 -4.07 -17.94
N GLY B 149 -20.23 -4.34 -18.14
CA GLY B 149 -19.43 -5.08 -17.19
C GLY B 149 -18.33 -4.23 -16.58
N TYR B 150 -17.54 -4.89 -15.73
CA TYR B 150 -16.43 -4.25 -15.06
C TYR B 150 -15.32 -3.90 -16.05
N LEU B 151 -14.50 -2.93 -15.65
CA LEU B 151 -13.48 -2.36 -16.52
C LEU B 151 -12.11 -2.89 -16.13
N SER B 152 -11.44 -3.52 -17.09
CA SER B 152 -10.15 -4.18 -16.86
C SER B 152 -8.96 -3.25 -17.03
N CYS B 153 -8.90 -2.50 -18.13
CA CYS B 153 -7.77 -1.61 -18.35
C CYS B 153 -8.19 -0.43 -19.21
N CYS B 154 -7.57 0.71 -18.98
CA CYS B 154 -7.81 1.93 -19.74
C CYS B 154 -6.48 2.56 -20.09
N ARG B 155 -6.34 2.99 -21.35
CA ARG B 155 -5.18 3.72 -21.82
C ARG B 155 -5.57 4.94 -22.62
N PHE B 156 -4.83 6.02 -22.42
CA PHE B 156 -5.01 7.25 -23.17
C PHE B 156 -4.30 7.16 -24.51
N LEU B 157 -4.98 7.50 -25.59
CA LEU B 157 -4.28 7.77 -26.84
C LEU B 157 -3.72 9.18 -26.83
N ASP B 158 -4.57 10.14 -26.49
CA ASP B 158 -4.18 11.51 -26.25
C ASP B 158 -5.09 12.07 -25.16
N ASP B 159 -5.08 13.39 -25.00
CA ASP B 159 -5.80 13.99 -23.89
C ASP B 159 -7.31 13.98 -24.08
N ASN B 160 -7.80 13.73 -25.30
CA ASN B 160 -9.22 13.77 -25.56
C ASN B 160 -9.73 12.45 -26.12
N GLN B 161 -8.90 11.43 -26.21
CA GLN B 161 -9.35 10.09 -26.58
C GLN B 161 -8.78 9.07 -25.61
N ILE B 162 -9.65 8.23 -25.05
CA ILE B 162 -9.25 7.15 -24.16
C ILE B 162 -9.79 5.84 -24.71
N VAL B 163 -9.19 4.73 -24.29
CA VAL B 163 -9.63 3.41 -24.69
C VAL B 163 -9.79 2.57 -23.44
N THR B 164 -10.94 1.91 -23.31
CA THR B 164 -11.23 1.02 -22.20
C THR B 164 -11.51 -0.38 -22.72
N SER B 165 -11.23 -1.37 -21.89
CA SER B 165 -11.63 -2.74 -22.12
C SER B 165 -12.46 -3.17 -20.93
N SER B 166 -13.53 -3.92 -21.17
CA SER B 166 -14.41 -4.26 -20.07
C SER B 166 -14.82 -5.72 -20.07
N GLY B 167 -15.18 -6.20 -18.89
CA GLY B 167 -15.61 -7.58 -18.73
C GLY B 167 -17.05 -7.68 -19.17
N ASP B 168 -17.33 -7.20 -20.38
CA ASP B 168 -18.58 -7.43 -21.07
C ASP B 168 -18.32 -7.76 -22.53
N THR B 169 -17.15 -8.32 -22.81
CA THR B 169 -16.71 -8.68 -24.16
C THR B 169 -16.69 -7.48 -25.09
N THR B 170 -16.21 -6.34 -24.58
CA THR B 170 -16.34 -5.09 -25.32
C THR B 170 -15.22 -4.12 -24.93
N CYS B 171 -14.62 -3.50 -25.93
CA CYS B 171 -13.73 -2.37 -25.73
C CYS B 171 -14.38 -1.11 -26.29
N ALA B 172 -13.90 0.05 -25.86
CA ALA B 172 -14.53 1.29 -26.25
C ALA B 172 -13.49 2.38 -26.44
N LEU B 173 -13.62 3.13 -27.52
CA LEU B 173 -12.86 4.36 -27.73
C LEU B 173 -13.77 5.55 -27.44
N TRP B 174 -13.39 6.36 -26.46
CA TRP B 174 -14.18 7.46 -25.95
C TRP B 174 -13.53 8.80 -26.28
N ASP B 175 -14.37 9.75 -26.69
CA ASP B 175 -14.02 11.15 -26.74
C ASP B 175 -14.31 11.76 -25.38
N ILE B 176 -13.26 12.20 -24.69
CA ILE B 176 -13.41 12.61 -23.31
C ILE B 176 -14.21 13.90 -23.20
N GLU B 177 -14.05 14.80 -24.16
CA GLU B 177 -14.79 16.06 -24.09
C GLU B 177 -16.30 15.83 -24.13
N THR B 178 -16.76 15.03 -25.08
CA THR B 178 -18.19 14.74 -25.19
C THR B 178 -18.64 13.75 -24.14
N GLY B 179 -17.83 12.73 -23.87
CA GLY B 179 -18.19 11.69 -22.93
C GLY B 179 -18.88 10.49 -23.55
N GLN B 180 -18.93 10.39 -24.86
CA GLN B 180 -19.68 9.36 -25.55
C GLN B 180 -18.72 8.43 -26.27
N GLN B 181 -19.09 7.15 -26.30
CA GLN B 181 -18.32 6.16 -27.05
C GLN B 181 -18.24 6.58 -28.51
N THR B 182 -17.05 6.97 -28.96
CA THR B 182 -16.88 7.23 -30.38
C THR B 182 -16.87 5.94 -31.16
N THR B 183 -16.32 4.88 -30.58
CA THR B 183 -16.34 3.59 -31.25
C THR B 183 -16.46 2.49 -30.21
N THR B 184 -17.15 1.42 -30.57
CA THR B 184 -17.26 0.24 -29.73
C THR B 184 -16.70 -0.95 -30.49
N PHE B 185 -15.76 -1.66 -29.87
CA PHE B 185 -15.13 -2.83 -30.45
C PHE B 185 -15.74 -4.07 -29.81
N THR B 186 -16.37 -4.91 -30.63
CA THR B 186 -16.99 -6.13 -30.18
C THR B 186 -16.46 -7.30 -30.99
N GLY B 187 -16.58 -8.49 -30.42
CA GLY B 187 -16.11 -9.69 -31.08
C GLY B 187 -15.56 -10.71 -30.12
N HIS B 188 -15.19 -10.27 -28.92
CA HIS B 188 -14.75 -11.19 -27.90
C HIS B 188 -15.93 -12.01 -27.39
N THR B 189 -15.62 -13.20 -26.88
CA THR B 189 -16.60 -14.07 -26.26
C THR B 189 -16.62 -13.92 -24.75
N GLY B 190 -15.46 -13.79 -24.11
CA GLY B 190 -15.36 -13.66 -22.68
C GLY B 190 -14.92 -12.29 -22.23
N ASP B 191 -14.60 -12.20 -20.94
CA ASP B 191 -14.31 -10.92 -20.32
C ASP B 191 -12.94 -10.42 -20.74
N VAL B 192 -12.87 -9.19 -21.24
CA VAL B 192 -11.60 -8.61 -21.67
C VAL B 192 -10.79 -8.19 -20.47
N MET B 193 -9.52 -8.61 -20.44
CA MET B 193 -8.66 -8.38 -19.28
C MET B 193 -7.56 -7.34 -19.51
N SER B 194 -6.94 -7.27 -20.68
CA SER B 194 -5.89 -6.28 -20.78
C SER B 194 -5.72 -5.80 -22.21
N LEU B 195 -5.43 -4.51 -22.38
CA LEU B 195 -5.16 -3.94 -23.69
C LEU B 195 -3.91 -3.08 -23.62
N SER B 196 -3.20 -3.00 -24.74
CA SER B 196 -2.02 -2.17 -24.86
C SER B 196 -2.08 -1.41 -26.17
N LEU B 197 -1.58 -0.18 -26.14
CA LEU B 197 -1.62 0.74 -27.28
C LEU B 197 -0.27 0.76 -27.97
N ALA B 198 -0.30 0.85 -29.28
CA ALA B 198 0.93 0.90 -30.04
C ALA B 198 1.62 2.24 -29.83
N PRO B 199 2.93 2.31 -30.08
CA PRO B 199 3.61 3.62 -30.01
C PRO B 199 3.01 4.67 -30.92
N ASP B 200 2.48 4.29 -32.09
CA ASP B 200 1.88 5.26 -32.99
C ASP B 200 0.45 5.63 -32.61
N THR B 201 -0.13 4.93 -31.63
CA THR B 201 -1.49 5.21 -31.14
C THR B 201 -2.52 5.18 -32.27
N ARG B 202 -2.39 4.21 -33.17
CA ARG B 202 -3.39 3.94 -34.20
C ARG B 202 -3.99 2.55 -34.08
N LEU B 203 -3.30 1.61 -33.44
CA LEU B 203 -3.77 0.24 -33.27
C LEU B 203 -3.70 -0.10 -31.79
N PHE B 204 -4.35 -1.19 -31.39
CA PHE B 204 -4.12 -1.69 -30.04
C PHE B 204 -4.50 -3.18 -29.98
N VAL B 205 -4.05 -3.84 -28.91
CA VAL B 205 -4.28 -5.27 -28.74
C VAL B 205 -4.97 -5.53 -27.41
N SER B 206 -5.71 -6.64 -27.36
CA SER B 206 -6.60 -6.97 -26.25
C SER B 206 -6.66 -8.47 -25.99
N GLY B 207 -6.65 -8.84 -24.72
CA GLY B 207 -6.73 -10.23 -24.28
C GLY B 207 -7.99 -10.31 -23.44
N ALA B 208 -8.68 -11.45 -23.52
CA ALA B 208 -10.09 -11.42 -23.10
C ALA B 208 -10.68 -12.72 -22.55
N CYS B 209 -9.93 -13.48 -21.75
CA CYS B 209 -10.50 -14.62 -21.01
C CYS B 209 -10.97 -15.76 -21.88
N ASP B 210 -10.92 -15.64 -23.19
CA ASP B 210 -11.29 -16.73 -24.07
C ASP B 210 -10.06 -17.30 -24.76
N ALA B 211 -8.90 -17.10 -24.14
CA ALA B 211 -7.61 -17.51 -24.64
C ALA B 211 -7.28 -16.91 -26.00
N SER B 212 -8.01 -15.87 -26.39
CA SER B 212 -7.84 -15.25 -27.69
C SER B 212 -7.48 -13.78 -27.51
N ALA B 213 -6.56 -13.32 -28.34
CA ALA B 213 -6.17 -11.93 -28.39
C ALA B 213 -6.65 -11.34 -29.69
N LYS B 214 -6.89 -10.03 -29.69
CA LYS B 214 -7.37 -9.35 -30.88
C LYS B 214 -6.64 -8.03 -31.05
N LEU B 215 -6.21 -7.75 -32.28
CA LEU B 215 -5.65 -6.47 -32.67
C LEU B 215 -6.74 -5.65 -33.35
N TRP B 216 -7.08 -4.52 -32.75
CA TRP B 216 -8.13 -3.64 -33.19
C TRP B 216 -7.53 -2.39 -33.83
N ASP B 217 -8.23 -1.88 -34.84
CA ASP B 217 -7.95 -0.58 -35.40
C ASP B 217 -8.84 0.45 -34.73
N VAL B 218 -8.22 1.51 -34.20
CA VAL B 218 -8.97 2.51 -33.45
C VAL B 218 -9.86 3.32 -34.38
N ARG B 219 -9.30 3.74 -35.51
CA ARG B 219 -10.05 4.60 -36.44
C ARG B 219 -11.21 3.83 -37.08
N GLU B 220 -10.93 2.65 -37.63
CA GLU B 220 -11.95 1.91 -38.36
C GLU B 220 -12.92 1.20 -37.42
N GLY B 221 -12.43 0.66 -36.32
CA GLY B 221 -13.27 0.03 -35.33
C GLY B 221 -13.47 -1.46 -35.48
N MET B 222 -13.00 -2.05 -36.56
CA MET B 222 -13.20 -3.47 -36.77
C MET B 222 -12.05 -4.27 -36.21
N CYS B 223 -12.33 -5.51 -35.83
CA CYS B 223 -11.28 -6.41 -35.36
C CYS B 223 -10.34 -6.69 -36.52
N ARG B 224 -9.16 -6.11 -36.48
CA ARG B 224 -8.24 -6.28 -37.59
C ARG B 224 -7.63 -7.67 -37.63
N GLN B 225 -7.18 -8.19 -36.49
CA GLN B 225 -6.57 -9.52 -36.46
C GLN B 225 -6.95 -10.23 -35.17
N THR B 226 -6.82 -11.56 -35.20
CA THR B 226 -7.00 -12.38 -34.01
C THR B 226 -5.84 -13.35 -33.86
N PHE B 227 -5.61 -13.76 -32.62
CA PHE B 227 -4.57 -14.73 -32.27
C PHE B 227 -5.11 -15.67 -31.20
N THR B 228 -4.61 -16.89 -31.21
CA THR B 228 -5.02 -17.90 -30.23
C THR B 228 -3.76 -18.64 -29.78
N GLY B 229 -3.97 -19.71 -29.02
CA GLY B 229 -2.86 -20.53 -28.60
C GLY B 229 -2.78 -20.76 -27.11
N HIS B 230 -3.27 -19.81 -26.33
CA HIS B 230 -3.18 -19.93 -24.89
C HIS B 230 -4.17 -20.99 -24.40
N GLU B 231 -4.24 -21.17 -23.08
CA GLU B 231 -5.07 -22.21 -22.50
C GLU B 231 -6.05 -21.71 -21.45
N SER B 232 -5.92 -20.48 -20.96
CA SER B 232 -6.77 -19.98 -19.91
C SER B 232 -6.90 -18.46 -20.10
N ASP B 233 -7.33 -17.79 -19.05
CA ASP B 233 -7.52 -16.34 -19.10
C ASP B 233 -6.21 -15.64 -19.46
N ILE B 234 -6.29 -14.69 -20.37
CA ILE B 234 -5.16 -13.83 -20.70
C ILE B 234 -5.24 -12.60 -19.80
N ASN B 235 -4.32 -12.52 -18.83
CA ASN B 235 -4.39 -11.49 -17.80
C ASN B 235 -3.47 -10.29 -18.07
N ALA B 236 -2.55 -10.39 -19.01
CA ALA B 236 -1.60 -9.31 -19.26
C ALA B 236 -1.27 -9.27 -20.74
N ILE B 237 -0.93 -8.08 -21.23
CA ILE B 237 -0.62 -7.88 -22.64
C ILE B 237 0.17 -6.59 -22.77
N CYS B 238 1.08 -6.54 -23.74
CA CYS B 238 1.83 -5.32 -24.04
C CYS B 238 2.48 -5.46 -25.40
N PHE B 239 2.88 -4.32 -25.98
CA PHE B 239 3.68 -4.29 -27.19
C PHE B 239 5.18 -4.19 -27.02
N PHE B 240 5.89 -4.99 -27.82
CA PHE B 240 7.29 -4.71 -28.09
C PHE B 240 7.38 -3.23 -28.38
N PRO B 241 8.50 -2.59 -28.11
CA PRO B 241 8.49 -1.13 -28.25
C PRO B 241 8.60 -0.62 -29.67
N ASN B 242 7.93 -1.29 -30.60
CA ASN B 242 7.77 -0.78 -31.95
C ASN B 242 6.38 -0.98 -32.51
N GLY B 243 5.46 -1.56 -31.76
CA GLY B 243 4.11 -1.78 -32.23
C GLY B 243 3.95 -2.89 -33.24
N ASN B 244 4.98 -3.70 -33.48
CA ASN B 244 4.85 -4.84 -34.38
C ASN B 244 5.15 -6.15 -33.67
N ALA B 245 4.95 -6.19 -32.36
CA ALA B 245 5.00 -7.44 -31.60
C ALA B 245 4.29 -7.22 -30.28
N PHE B 246 3.77 -8.29 -29.71
CA PHE B 246 3.13 -8.16 -28.40
C PHE B 246 3.21 -9.47 -27.64
N ALA B 247 3.36 -9.36 -26.33
CA ALA B 247 3.53 -10.50 -25.45
C ALA B 247 2.40 -10.55 -24.45
N THR B 248 1.90 -11.76 -24.19
CA THR B 248 0.78 -12.00 -23.32
C THR B 248 1.21 -12.89 -22.16
N GLY B 249 0.51 -12.75 -21.06
CA GLY B 249 0.63 -13.68 -19.95
C GLY B 249 -0.73 -14.20 -19.58
N SER B 250 -0.78 -15.44 -19.12
CA SER B 250 -2.03 -16.10 -18.82
C SER B 250 -1.98 -16.82 -17.48
N ASP B 251 -3.16 -17.24 -17.03
CA ASP B 251 -3.27 -18.10 -15.86
C ASP B 251 -2.74 -19.50 -16.10
N ASP B 252 -2.48 -19.87 -17.36
CA ASP B 252 -1.88 -21.16 -17.64
C ASP B 252 -0.37 -21.16 -17.44
N ALA B 253 0.16 -20.15 -16.74
CA ALA B 253 1.56 -20.04 -16.38
C ALA B 253 2.47 -19.94 -17.60
N THR B 254 1.97 -19.42 -18.71
CA THR B 254 2.73 -19.36 -19.95
C THR B 254 2.65 -17.97 -20.55
N CYS B 255 3.80 -17.32 -20.69
CA CYS B 255 3.89 -16.11 -21.49
C CYS B 255 4.07 -16.51 -22.94
N ARG B 256 3.55 -15.69 -23.84
CA ARG B 256 3.76 -15.94 -25.26
C ARG B 256 3.98 -14.66 -26.04
N LEU B 257 4.92 -14.73 -26.98
CA LEU B 257 5.24 -13.62 -27.87
C LEU B 257 4.63 -13.91 -29.23
N PHE B 258 3.71 -13.02 -29.65
CA PHE B 258 3.07 -12.99 -30.95
C PHE B 258 3.58 -11.81 -31.78
N ASP B 259 3.50 -11.95 -33.10
CA ASP B 259 3.74 -10.87 -34.03
C ASP B 259 2.53 -10.69 -34.95
N LEU B 260 2.21 -9.43 -35.22
CA LEU B 260 1.01 -9.11 -35.98
C LEU B 260 1.15 -9.48 -37.45
N ARG B 261 2.30 -9.13 -38.04
CA ARG B 261 2.49 -9.37 -39.48
C ARG B 261 2.65 -10.85 -39.77
N ALA B 262 3.48 -11.54 -38.99
CA ALA B 262 3.54 -12.99 -39.10
C ALA B 262 2.22 -13.65 -38.71
N ASP B 263 1.41 -12.96 -37.89
CA ASP B 263 0.08 -13.41 -37.55
C ASP B 263 0.06 -14.80 -36.93
N GLN B 264 1.08 -15.13 -36.15
CA GLN B 264 1.10 -16.41 -35.47
C GLN B 264 1.97 -16.30 -34.23
N GLU B 265 1.98 -17.38 -33.46
CA GLU B 265 2.75 -17.47 -32.23
C GLU B 265 4.24 -17.62 -32.54
N LEU B 266 5.08 -16.95 -31.76
CA LEU B 266 6.52 -17.01 -31.96
C LEU B 266 7.27 -17.63 -30.80
N MET B 267 7.06 -17.18 -29.56
CA MET B 267 7.65 -17.94 -28.46
C MET B 267 6.69 -18.16 -27.31
N THR B 268 7.05 -19.15 -26.49
CA THR B 268 6.43 -19.42 -25.20
C THR B 268 7.49 -19.34 -24.13
N TYR B 269 7.34 -18.39 -23.22
CA TYR B 269 8.19 -18.30 -22.05
C TYR B 269 7.49 -19.04 -20.93
N SER B 270 8.08 -20.17 -20.53
CA SER B 270 7.50 -21.01 -19.49
C SER B 270 8.61 -21.81 -18.83
N HIS B 271 8.28 -22.35 -17.65
CA HIS B 271 9.19 -23.19 -16.89
C HIS B 271 8.36 -24.25 -16.18
N ASP B 272 8.94 -25.45 -16.03
CA ASP B 272 8.21 -26.55 -15.41
C ASP B 272 7.90 -26.27 -13.95
N ASN B 273 8.70 -25.42 -13.31
CA ASN B 273 8.44 -25.02 -11.93
C ASN B 273 7.47 -23.86 -11.83
N ILE B 274 7.03 -23.31 -12.95
CA ILE B 274 6.08 -22.20 -12.98
C ILE B 274 4.70 -22.81 -13.14
N ILE B 275 3.96 -22.89 -12.04
CA ILE B 275 2.59 -23.40 -12.05
C ILE B 275 1.56 -22.33 -11.77
N CYS B 276 1.97 -21.19 -11.23
CA CYS B 276 1.06 -20.08 -10.99
C CYS B 276 0.96 -19.22 -12.25
N GLY B 277 -0.16 -18.51 -12.36
CA GLY B 277 -0.44 -17.72 -13.54
C GLY B 277 0.39 -16.46 -13.62
N ILE B 278 0.05 -15.64 -14.62
CA ILE B 278 0.81 -14.44 -14.95
C ILE B 278 -0.12 -13.26 -14.75
N THR B 279 0.29 -12.31 -13.92
CA THR B 279 -0.52 -11.14 -13.68
C THR B 279 -0.14 -9.93 -14.53
N SER B 280 1.13 -9.78 -14.90
CA SER B 280 1.54 -8.62 -15.68
C SER B 280 2.73 -8.98 -16.56
N VAL B 281 2.86 -8.24 -17.66
CA VAL B 281 4.03 -8.31 -18.53
C VAL B 281 4.37 -6.90 -18.99
N SER B 282 5.67 -6.64 -19.16
CA SER B 282 6.10 -5.38 -19.74
C SER B 282 7.49 -5.56 -20.33
N PHE B 283 7.72 -4.95 -21.48
CA PHE B 283 8.97 -5.10 -22.21
C PHE B 283 9.99 -4.08 -21.77
N SER B 284 11.26 -4.41 -21.95
CA SER B 284 12.32 -3.43 -21.79
C SER B 284 12.36 -2.52 -23.01
N LYS B 285 13.15 -1.45 -22.91
CA LYS B 285 13.18 -0.45 -23.97
C LYS B 285 13.66 -1.04 -25.28
N SER B 286 14.75 -1.79 -25.24
CA SER B 286 15.24 -2.39 -26.47
C SER B 286 14.45 -3.62 -26.88
N GLY B 287 13.49 -4.04 -26.07
CA GLY B 287 12.82 -5.29 -26.31
C GLY B 287 13.62 -6.52 -25.95
N ARG B 288 14.81 -6.34 -25.37
CA ARG B 288 15.63 -7.48 -25.00
C ARG B 288 15.15 -8.13 -23.72
N LEU B 289 14.41 -7.42 -22.90
CA LEU B 289 13.92 -7.97 -21.65
C LEU B 289 12.40 -7.87 -21.58
N LEU B 290 11.75 -9.00 -21.33
CA LEU B 290 10.32 -9.07 -21.02
C LEU B 290 10.20 -9.39 -19.53
N LEU B 291 9.74 -8.43 -18.76
CA LEU B 291 9.58 -8.61 -17.32
C LEU B 291 8.14 -9.04 -17.06
N ALA B 292 7.98 -10.19 -16.43
CA ALA B 292 6.66 -10.77 -16.21
C ALA B 292 6.40 -10.91 -14.72
N GLY B 293 5.23 -10.46 -14.29
CA GLY B 293 4.80 -10.64 -12.92
C GLY B 293 3.97 -11.91 -12.75
N TYR B 294 4.18 -12.59 -11.62
CA TYR B 294 3.56 -13.87 -11.32
C TYR B 294 2.86 -13.88 -9.98
N ASP B 295 2.18 -14.99 -9.72
CA ASP B 295 1.47 -15.24 -8.48
C ASP B 295 2.24 -16.11 -7.50
N ASP B 296 3.50 -16.45 -7.80
CA ASP B 296 4.38 -17.11 -6.85
C ASP B 296 5.17 -16.15 -6.01
N PHE B 297 4.72 -14.90 -5.96
CA PHE B 297 5.21 -13.80 -5.17
C PHE B 297 6.33 -13.08 -5.90
N ASN B 298 6.81 -13.61 -7.02
CA ASN B 298 8.01 -13.13 -7.69
C ASN B 298 7.67 -12.42 -8.99
N CYS B 299 8.68 -11.75 -9.53
CA CYS B 299 8.65 -11.20 -10.87
C CYS B 299 9.91 -11.65 -11.58
N ASN B 300 9.77 -12.20 -12.78
CA ASN B 300 10.92 -12.70 -13.51
C ASN B 300 11.23 -11.79 -14.70
N VAL B 301 12.39 -12.01 -15.29
CA VAL B 301 12.90 -11.23 -16.40
C VAL B 301 13.42 -12.21 -17.44
N TRP B 302 12.67 -12.36 -18.54
CA TRP B 302 13.11 -13.18 -19.66
C TRP B 302 13.86 -12.40 -20.73
N ASP B 303 15.00 -12.95 -21.11
CA ASP B 303 15.59 -12.55 -22.37
C ASP B 303 14.56 -12.88 -23.44
N ALA B 304 13.91 -11.87 -23.99
CA ALA B 304 12.80 -12.11 -24.89
C ALA B 304 13.23 -12.92 -26.10
N LEU B 305 14.39 -12.58 -26.68
CA LEU B 305 14.85 -13.23 -27.90
C LEU B 305 15.39 -14.64 -27.67
N LYS B 306 15.54 -15.09 -26.43
CA LYS B 306 16.08 -16.42 -26.18
C LYS B 306 15.22 -17.28 -25.27
N ALA B 307 14.14 -16.76 -24.73
CA ALA B 307 13.15 -17.51 -23.95
C ALA B 307 13.71 -18.08 -22.67
N ASP B 308 14.95 -17.77 -22.32
CA ASP B 308 15.54 -18.16 -21.05
C ASP B 308 15.26 -17.09 -20.01
N ARG B 309 15.46 -17.45 -18.75
CA ARG B 309 15.22 -16.54 -17.64
C ARG B 309 16.48 -15.75 -17.37
N ALA B 310 16.46 -14.46 -17.68
CA ALA B 310 17.61 -13.60 -17.44
C ALA B 310 17.74 -13.21 -15.98
N GLY B 311 16.63 -13.11 -15.26
CA GLY B 311 16.73 -12.66 -13.88
C GLY B 311 15.45 -12.86 -13.12
N VAL B 312 15.52 -12.60 -11.82
CA VAL B 312 14.39 -12.73 -10.90
C VAL B 312 14.33 -11.50 -10.03
N LEU B 313 13.18 -10.84 -10.01
CA LEU B 313 12.95 -9.66 -9.17
C LEU B 313 12.16 -10.20 -7.99
N ALA B 314 12.83 -10.95 -7.14
CA ALA B 314 12.26 -11.33 -5.85
C ALA B 314 12.36 -10.19 -4.84
N GLY B 315 11.40 -10.14 -3.95
CA GLY B 315 11.33 -9.06 -3.00
C GLY B 315 9.92 -8.73 -2.57
N HIS B 316 8.94 -9.36 -3.23
CA HIS B 316 7.54 -9.14 -2.92
C HIS B 316 7.00 -10.32 -2.11
N ASP B 317 6.31 -10.00 -1.02
CA ASP B 317 5.74 -10.99 -0.12
C ASP B 317 4.36 -11.47 -0.53
N ASN B 318 3.79 -10.89 -1.58
CA ASN B 318 2.53 -11.36 -2.12
C ASN B 318 2.60 -11.29 -3.63
N ARG B 319 1.46 -11.48 -4.29
CA ARG B 319 1.44 -11.65 -5.74
C ARG B 319 1.73 -10.33 -6.43
N VAL B 320 2.66 -10.35 -7.38
CA VAL B 320 2.96 -9.16 -8.17
C VAL B 320 1.81 -8.92 -9.13
N SER B 321 1.13 -7.80 -8.95
CA SER B 321 -0.03 -7.49 -9.77
C SER B 321 0.27 -6.57 -10.94
N CYS B 322 1.35 -5.79 -10.88
CA CYS B 322 1.62 -4.82 -11.92
C CYS B 322 3.12 -4.57 -12.02
N LEU B 323 3.58 -4.25 -13.22
CA LEU B 323 4.96 -3.85 -13.41
C LEU B 323 5.05 -3.01 -14.67
N GLY B 324 6.12 -2.22 -14.74
CA GLY B 324 6.28 -1.25 -15.81
C GLY B 324 7.67 -0.68 -15.97
N VAL B 325 8.15 -0.65 -17.20
CA VAL B 325 9.48 -0.20 -17.55
C VAL B 325 9.27 1.21 -18.09
N THR B 326 10.16 2.13 -17.73
CA THR B 326 9.99 3.53 -18.09
C THR B 326 10.13 3.74 -19.59
N ASP B 327 9.94 4.99 -20.03
CA ASP B 327 10.14 5.31 -21.44
C ASP B 327 11.60 5.49 -21.81
N ASP B 328 12.47 5.72 -20.84
CA ASP B 328 13.90 5.66 -21.08
C ASP B 328 14.51 4.32 -20.71
N GLY B 329 13.70 3.37 -20.26
CA GLY B 329 14.20 2.07 -19.87
C GLY B 329 15.04 2.06 -18.63
N MET B 330 15.06 3.15 -17.87
CA MET B 330 16.00 3.27 -16.75
C MET B 330 15.66 2.30 -15.64
N ALA B 331 14.42 2.34 -15.17
CA ALA B 331 14.00 1.54 -14.03
C ALA B 331 12.91 0.57 -14.46
N VAL B 332 12.48 -0.26 -13.51
CA VAL B 332 11.22 -0.99 -13.64
C VAL B 332 10.53 -1.00 -12.29
N ALA B 333 9.25 -0.68 -12.28
CA ALA B 333 8.47 -0.65 -11.05
C ALA B 333 7.55 -1.86 -10.98
N THR B 334 7.55 -2.52 -9.83
CA THR B 334 6.66 -3.63 -9.54
C THR B 334 5.77 -3.30 -8.35
N GLY B 335 4.48 -3.49 -8.51
CA GLY B 335 3.52 -3.41 -7.42
C GLY B 335 2.85 -4.73 -7.19
N SER B 336 2.78 -5.14 -5.93
CA SER B 336 2.28 -6.44 -5.54
C SER B 336 1.20 -6.27 -4.49
N TRP B 337 0.53 -7.36 -4.18
CA TRP B 337 -0.56 -7.35 -3.21
C TRP B 337 -0.09 -7.17 -1.80
N ASP B 338 1.20 -6.88 -1.60
CA ASP B 338 1.74 -6.60 -0.28
C ASP B 338 1.65 -5.13 0.08
N SER B 339 0.98 -4.33 -0.75
CA SER B 339 0.82 -2.89 -0.60
C SER B 339 2.13 -2.12 -0.80
N PHE B 340 3.12 -2.73 -1.44
CA PHE B 340 4.42 -2.11 -1.63
C PHE B 340 4.73 -2.01 -3.12
N LEU B 341 5.40 -0.93 -3.50
CA LEU B 341 5.79 -0.66 -4.87
C LEU B 341 7.29 -0.49 -4.85
N LYS B 342 7.98 -1.07 -5.83
CA LYS B 342 9.43 -1.17 -5.80
C LYS B 342 10.05 -0.81 -7.14
N ILE B 343 11.10 0.01 -7.09
CA ILE B 343 11.79 0.47 -8.27
C ILE B 343 13.12 -0.26 -8.37
N TRP B 344 13.36 -0.88 -9.53
CA TRP B 344 14.52 -1.71 -9.76
C TRP B 344 15.41 -1.10 -10.83
N ASN B 345 16.70 -1.11 -10.57
CA ASN B 345 17.73 -0.70 -11.51
C ASN B 345 19.09 -1.19 -11.10
N VAL C 1 -9.14 31.12 -9.50
CA VAL C 1 -8.24 31.41 -8.40
C VAL C 1 -8.39 32.88 -8.04
N GLN C 2 -8.31 33.20 -6.76
CA GLN C 2 -8.43 34.58 -6.33
C GLN C 2 -7.83 34.72 -4.94
N LEU C 3 -6.80 35.54 -4.82
CA LEU C 3 -6.20 35.86 -3.54
C LEU C 3 -6.50 37.33 -3.29
N VAL C 4 -7.34 37.63 -2.31
CA VAL C 4 -7.72 39.00 -2.00
C VAL C 4 -7.08 39.36 -0.67
N GLU C 5 -6.17 40.33 -0.69
CA GLU C 5 -5.44 40.71 0.50
C GLU C 5 -6.07 41.93 1.14
N SER C 6 -6.02 41.98 2.47
CA SER C 6 -6.56 43.10 3.21
C SER C 6 -5.67 43.38 4.41
N GLY C 7 -5.79 44.60 4.93
CA GLY C 7 -5.10 45.00 6.15
C GLY C 7 -4.19 46.19 6.01
N GLY C 8 -3.91 46.65 4.79
CA GLY C 8 -2.96 47.72 4.60
C GLY C 8 -3.44 49.03 5.18
N GLY C 9 -2.56 50.01 5.13
CA GLY C 9 -2.89 51.33 5.64
C GLY C 9 -1.65 52.00 6.20
N LEU C 10 -1.89 53.10 6.91
CA LEU C 10 -0.84 53.90 7.50
C LEU C 10 -0.73 53.62 8.99
N VAL C 11 0.49 53.49 9.50
CA VAL C 11 0.74 53.26 10.91
C VAL C 11 1.74 54.29 11.42
N GLN C 12 1.61 54.62 12.69
CA GLN C 12 2.56 55.49 13.35
C GLN C 12 3.86 54.73 13.62
N PRO C 13 4.96 55.44 13.88
CA PRO C 13 6.21 54.74 14.19
C PRO C 13 5.94 53.72 15.28
N GLY C 14 6.66 52.62 15.22
CA GLY C 14 6.34 51.52 16.10
C GLY C 14 5.03 50.86 15.69
N GLY C 15 4.25 50.47 16.68
CA GLY C 15 2.94 49.92 16.41
C GLY C 15 2.99 48.53 15.81
N SER C 16 1.86 48.12 15.27
CA SER C 16 1.71 46.77 14.72
C SER C 16 0.56 46.77 13.73
N ARG C 17 0.49 45.70 12.94
CA ARG C 17 -0.61 45.50 12.01
C ARG C 17 -0.71 44.03 11.65
N LYS C 18 -1.91 43.61 11.26
CA LYS C 18 -2.19 42.22 10.89
C LYS C 18 -2.80 42.18 9.49
N LEU C 19 -2.01 41.80 8.51
CA LEU C 19 -2.50 41.64 7.15
C LEU C 19 -3.00 40.22 6.94
N SER C 20 -4.02 40.08 6.10
CA SER C 20 -4.60 38.78 5.83
C SER C 20 -4.86 38.63 4.35
N CYS C 21 -4.99 37.38 3.92
CA CYS C 21 -5.34 37.07 2.54
C CYS C 21 -6.44 36.03 2.53
N SER C 22 -7.51 36.33 1.81
CA SER C 22 -8.61 35.40 1.61
C SER C 22 -8.41 34.67 0.29
N ALA C 23 -8.38 33.36 0.33
CA ALA C 23 -8.15 32.52 -0.83
C ALA C 23 -9.46 31.89 -1.26
N SER C 24 -9.81 32.08 -2.54
CA SER C 24 -11.05 31.56 -3.06
C SER C 24 -10.82 30.96 -4.44
N GLY C 25 -11.27 29.73 -4.63
CA GLY C 25 -11.15 29.09 -5.91
C GLY C 25 -9.98 28.16 -6.06
N PHE C 26 -9.38 27.72 -4.96
CA PHE C 26 -8.31 26.74 -5.05
C PHE C 26 -8.13 26.07 -3.70
N ALA C 27 -7.33 25.00 -3.68
CA ALA C 27 -7.11 24.17 -2.49
C ALA C 27 -6.03 24.81 -1.63
N PHE C 28 -6.45 25.81 -0.85
CA PHE C 28 -5.52 26.62 -0.07
C PHE C 28 -4.72 25.79 0.92
N SER C 29 -5.28 24.68 1.40
CA SER C 29 -4.54 23.85 2.34
C SER C 29 -3.38 23.13 1.66
N SER C 30 -3.46 22.89 0.36
CA SER C 30 -2.40 22.23 -0.37
C SER C 30 -1.31 23.17 -0.85
N PHE C 31 -1.51 24.48 -0.73
CA PHE C 31 -0.60 25.47 -1.29
C PHE C 31 0.23 26.11 -0.19
N GLY C 32 1.55 26.16 -0.39
CA GLY C 32 2.36 27.03 0.42
C GLY C 32 2.12 28.48 0.06
N MET C 33 2.37 29.37 1.02
CA MET C 33 2.05 30.77 0.81
C MET C 33 3.22 31.65 1.21
N HIS C 34 3.39 32.74 0.47
CA HIS C 34 4.49 33.66 0.65
C HIS C 34 3.95 35.07 0.81
N TRP C 35 4.70 35.88 1.55
CA TRP C 35 4.48 37.32 1.62
C TRP C 35 5.68 37.98 0.97
N VAL C 36 5.41 38.81 -0.04
CA VAL C 36 6.43 39.46 -0.87
C VAL C 36 6.17 40.95 -0.87
N ARG C 37 7.17 41.75 -0.50
CA ARG C 37 7.00 43.18 -0.40
C ARG C 37 7.54 43.90 -1.62
N GLN C 38 7.20 45.18 -1.74
CA GLN C 38 7.70 46.01 -2.81
C GLN C 38 7.69 47.46 -2.37
N ALA C 39 8.87 48.09 -2.32
CA ALA C 39 8.95 49.48 -1.89
C ALA C 39 8.24 50.38 -2.91
N PRO C 40 7.83 51.58 -2.48
CA PRO C 40 6.99 52.40 -3.37
C PRO C 40 7.59 52.69 -4.73
N GLU C 41 8.91 52.88 -4.82
CA GLU C 41 9.55 53.17 -6.10
C GLU C 41 10.73 52.25 -6.36
N LYS C 42 10.83 51.15 -5.64
CA LYS C 42 11.98 50.25 -5.71
C LYS C 42 11.52 48.87 -6.17
N GLY C 43 12.43 47.91 -6.09
CA GLY C 43 12.14 46.56 -6.50
C GLY C 43 11.41 45.78 -5.46
N LEU C 44 11.11 44.53 -5.80
CA LEU C 44 10.42 43.65 -4.86
C LEU C 44 11.39 43.18 -3.78
N GLU C 45 10.82 42.55 -2.75
CA GLU C 45 11.60 41.92 -1.70
C GLU C 45 10.73 40.88 -1.02
N TRP C 46 11.34 39.80 -0.57
CA TRP C 46 10.59 38.72 0.05
C TRP C 46 10.44 38.96 1.55
N VAL C 47 9.29 38.55 2.10
CA VAL C 47 8.95 38.82 3.49
C VAL C 47 8.89 37.54 4.31
N ALA C 48 8.09 36.57 3.89
CA ALA C 48 7.97 35.36 4.71
C ALA C 48 7.38 34.22 3.89
N TYR C 49 7.43 33.03 4.46
CA TYR C 49 6.87 31.82 3.85
C TYR C 49 6.29 30.90 4.91
N ILE C 50 5.04 30.49 4.71
CA ILE C 50 4.42 29.42 5.47
C ILE C 50 4.15 28.26 4.52
N SER C 51 4.27 27.04 5.02
CA SER C 51 4.20 25.85 4.19
C SER C 51 2.87 25.14 4.34
N SER C 52 2.62 24.22 3.43
CA SER C 52 1.47 23.35 3.52
C SER C 52 1.55 22.53 4.81
N GLY C 53 0.45 22.49 5.55
CA GLY C 53 0.45 21.86 6.85
C GLY C 53 0.91 22.73 7.99
N SER C 54 1.09 24.03 7.76
CA SER C 54 1.45 24.99 8.79
C SER C 54 2.75 24.60 9.50
N GLY C 55 3.67 24.03 8.75
CA GLY C 55 4.91 23.53 9.31
C GLY C 55 6.12 24.41 9.16
N THR C 56 6.82 24.24 8.03
CA THR C 56 7.93 25.10 7.66
C THR C 56 7.51 26.57 7.63
N ILE C 57 8.31 27.41 8.28
CA ILE C 57 8.12 28.85 8.26
C ILE C 57 9.48 29.50 8.11
N TYR C 58 9.63 30.36 7.11
CA TYR C 58 10.85 31.09 6.86
C TYR C 58 10.57 32.58 6.90
N TYR C 59 11.56 33.36 7.34
CA TYR C 59 11.35 34.79 7.50
C TYR C 59 12.39 35.56 6.72
N ALA C 60 12.05 36.78 6.34
CA ALA C 60 13.04 37.68 5.78
C ALA C 60 13.99 38.11 6.88
N ASP C 61 15.29 38.01 6.61
CA ASP C 61 16.26 38.34 7.63
C ASP C 61 16.22 39.82 8.00
N THR C 62 15.64 40.65 7.14
CA THR C 62 15.66 42.09 7.38
C THR C 62 14.82 42.47 8.59
N VAL C 63 13.62 41.90 8.71
CA VAL C 63 12.72 42.26 9.79
C VAL C 63 12.27 40.97 10.49
N LYS C 64 13.16 39.97 10.51
CA LYS C 64 12.81 38.68 11.10
C LYS C 64 12.53 38.82 12.59
N GLY C 65 11.53 38.08 13.06
CA GLY C 65 11.18 38.11 14.46
C GLY C 65 10.28 39.28 14.82
N ARG C 66 10.40 40.37 14.08
CA ARG C 66 9.49 41.49 14.28
C ARG C 66 8.13 41.25 13.65
N PHE C 67 8.02 40.27 12.76
CA PHE C 67 6.73 39.86 12.24
C PHE C 67 6.66 38.35 12.20
N THR C 68 5.42 37.84 12.17
CA THR C 68 5.16 36.41 12.13
C THR C 68 4.16 36.09 11.03
N ILE C 69 4.14 34.83 10.63
CA ILE C 69 3.23 34.34 9.59
C ILE C 69 2.35 33.26 10.21
N SER C 70 1.13 33.13 9.69
CA SER C 70 0.23 32.08 10.13
C SER C 70 -0.78 31.81 9.02
N ARG C 71 -1.44 30.65 9.12
CA ARG C 71 -2.55 30.37 8.21
C ARG C 71 -3.70 29.73 8.98
N ASP C 72 -4.91 29.92 8.47
CA ASP C 72 -6.11 29.26 8.97
C ASP C 72 -6.73 28.54 7.78
N ASP C 73 -6.45 27.25 7.67
CA ASP C 73 -6.91 26.47 6.52
C ASP C 73 -8.42 26.37 6.43
N PRO C 74 -9.17 26.05 7.49
CA PRO C 74 -10.64 25.98 7.34
C PRO C 74 -11.26 27.27 6.83
N LYS C 75 -10.75 28.42 7.29
CA LYS C 75 -11.22 29.70 6.80
C LYS C 75 -10.49 30.14 5.54
N ASN C 76 -9.45 29.42 5.12
CA ASN C 76 -8.65 29.76 3.95
C ASN C 76 -8.10 31.18 4.04
N THR C 77 -7.59 31.56 5.21
CA THR C 77 -7.15 32.93 5.44
C THR C 77 -5.73 32.94 6.00
N LEU C 78 -4.84 33.64 5.31
CA LEU C 78 -3.43 33.76 5.69
C LEU C 78 -3.22 35.05 6.45
N PHE C 79 -2.22 35.06 7.34
CA PHE C 79 -1.94 36.20 8.19
C PHE C 79 -0.45 36.51 8.24
N LEU C 80 -0.13 37.80 8.26
CA LEU C 80 1.18 38.32 8.59
C LEU C 80 1.01 39.36 9.67
N GLN C 81 1.68 39.18 10.80
CA GLN C 81 1.58 40.07 11.95
C GLN C 81 2.88 40.85 12.07
N MET C 82 2.84 42.12 11.68
CA MET C 82 3.98 43.02 11.77
C MET C 82 3.96 43.69 13.13
N THR C 83 5.14 43.79 13.76
CA THR C 83 5.29 44.50 15.02
C THR C 83 6.48 45.46 14.95
N SER C 84 6.34 46.59 15.63
CA SER C 84 7.38 47.62 15.71
C SER C 84 7.74 48.13 14.30
N LEU C 85 6.77 48.75 13.67
CA LEU C 85 6.89 49.14 12.27
C LEU C 85 7.61 50.48 12.15
N ARG C 86 8.82 50.45 11.60
CA ARG C 86 9.59 51.63 11.25
C ARG C 86 9.36 52.00 9.81
N SER C 87 9.95 53.13 9.40
CA SER C 87 9.70 53.66 8.06
C SER C 87 10.21 52.73 6.97
N GLU C 88 11.21 51.90 7.27
CA GLU C 88 11.74 51.00 6.26
C GLU C 88 10.75 49.92 5.84
N ASP C 89 9.65 49.76 6.57
CA ASP C 89 8.64 48.78 6.24
C ASP C 89 7.59 49.31 5.27
N THR C 90 7.69 50.57 4.87
CA THR C 90 6.72 51.18 3.96
C THR C 90 6.83 50.52 2.59
N ALA C 91 5.89 49.64 2.29
CA ALA C 91 5.90 48.92 1.03
C ALA C 91 4.51 48.39 0.76
N MET C 92 4.29 47.99 -0.48
CA MET C 92 3.08 47.27 -0.84
C MET C 92 3.37 45.78 -0.69
N TYR C 93 2.57 45.10 0.12
CA TYR C 93 2.73 43.67 0.35
C TYR C 93 1.77 42.88 -0.53
N TYR C 94 2.22 41.73 -0.98
CA TYR C 94 1.47 40.84 -1.84
C TYR C 94 1.54 39.45 -1.28
N CYS C 95 0.43 38.75 -1.34
CA CYS C 95 0.37 37.36 -0.90
C CYS C 95 0.43 36.47 -2.13
N VAL C 96 1.37 35.53 -2.13
CA VAL C 96 1.71 34.76 -3.30
C VAL C 96 1.48 33.30 -3.00
N ARG C 97 1.03 32.57 -4.00
CA ARG C 97 0.71 31.16 -3.89
C ARG C 97 1.80 30.36 -4.55
N SER C 98 2.27 29.31 -3.89
CA SER C 98 3.30 28.47 -4.49
C SER C 98 3.11 27.05 -4.00
N ILE C 99 3.07 26.10 -4.92
CA ILE C 99 2.91 24.70 -4.57
C ILE C 99 4.16 23.97 -5.03
N TYR C 100 4.62 23.04 -4.20
CA TYR C 100 5.89 22.37 -4.44
C TYR C 100 5.64 20.87 -4.54
N TYR C 101 5.62 20.38 -5.78
CA TYR C 101 5.73 18.97 -6.08
C TYR C 101 6.46 18.90 -7.41
N TYR C 102 6.73 17.68 -7.86
CA TYR C 102 7.47 17.58 -9.11
C TYR C 102 6.69 18.22 -10.25
N GLY C 103 7.30 19.21 -10.88
CA GLY C 103 6.69 19.88 -12.00
C GLY C 103 5.74 20.99 -11.65
N SER C 104 5.66 21.37 -10.39
CA SER C 104 4.76 22.44 -10.01
C SER C 104 5.29 23.79 -10.50
N SER C 105 4.48 24.82 -10.35
CA SER C 105 4.75 26.16 -10.87
C SER C 105 4.70 27.14 -9.71
N PRO C 106 5.75 27.19 -8.89
CA PRO C 106 5.73 28.09 -7.74
C PRO C 106 5.56 29.54 -8.16
N PHE C 107 4.90 30.30 -7.28
CA PHE C 107 4.64 31.73 -7.49
C PHE C 107 3.69 31.96 -8.66
N ASP C 108 2.72 31.06 -8.83
CA ASP C 108 1.85 31.11 -10.00
C ASP C 108 0.74 32.13 -9.86
N PHE C 109 0.39 32.55 -8.65
CA PHE C 109 -0.67 33.52 -8.48
C PHE C 109 -0.27 34.57 -7.46
N TRP C 110 -0.60 35.82 -7.76
CA TRP C 110 -0.36 36.94 -6.86
C TRP C 110 -1.63 37.74 -6.69
N GLY C 111 -1.90 38.16 -5.48
CA GLY C 111 -2.95 39.11 -5.26
C GLY C 111 -2.56 40.50 -5.71
N GLN C 112 -3.50 41.43 -5.56
CA GLN C 112 -3.19 42.83 -5.75
C GLN C 112 -2.43 43.40 -4.55
N GLY C 113 -2.51 42.74 -3.40
CA GLY C 113 -1.78 43.18 -2.23
C GLY C 113 -2.32 44.49 -1.69
N THR C 114 -1.77 44.89 -0.54
CA THR C 114 -2.18 46.11 0.11
C THR C 114 -0.95 46.95 0.47
N THR C 115 -1.12 48.26 0.40
CA THR C 115 -0.07 49.16 0.83
C THR C 115 0.05 49.11 2.35
N LEU C 116 1.25 49.41 2.84
CA LEU C 116 1.49 49.57 4.27
C LEU C 116 2.55 50.64 4.43
N THR C 117 2.15 51.78 4.96
CA THR C 117 2.99 52.96 5.05
C THR C 117 3.32 53.27 6.50
N VAL C 118 4.55 53.73 6.73
CA VAL C 118 4.99 54.19 8.03
C VAL C 118 5.53 55.60 7.86
N SER C 119 5.11 56.51 8.74
CA SER C 119 5.55 57.90 8.68
C SER C 119 6.76 58.16 9.56
N ALA C 136 26.25 33.98 3.23
CA ALA C 136 25.42 35.21 3.29
C ALA C 136 24.32 35.14 2.24
N ASP C 137 23.39 36.12 2.25
CA ASP C 137 22.26 36.16 1.28
C ASP C 137 22.84 36.37 -0.13
N ILE C 138 22.21 35.73 -1.13
CA ILE C 138 22.66 35.85 -2.51
C ILE C 138 22.19 37.19 -3.05
N VAL C 139 23.00 37.78 -3.93
CA VAL C 139 22.71 39.08 -4.52
C VAL C 139 22.54 38.91 -6.01
N MET C 140 21.51 39.56 -6.57
CA MET C 140 21.37 39.73 -8.01
C MET C 140 21.44 41.21 -8.36
N THR C 141 22.21 41.51 -9.40
CA THR C 141 22.23 42.84 -9.99
C THR C 141 21.35 42.84 -11.23
N GLN C 142 20.36 43.72 -11.25
CA GLN C 142 19.59 44.02 -12.45
C GLN C 142 20.40 45.04 -13.22
N ALA C 143 21.19 44.58 -14.19
CA ALA C 143 22.23 45.41 -14.79
C ALA C 143 21.68 46.71 -15.34
N THR C 144 20.44 46.71 -15.81
CA THR C 144 19.82 47.91 -16.35
C THR C 144 18.51 48.17 -15.63
N SER C 145 18.27 49.45 -15.34
CA SER C 145 17.01 49.88 -14.76
C SER C 145 15.99 50.29 -15.80
N SER C 146 16.36 50.26 -17.09
CA SER C 146 15.46 50.65 -18.16
C SER C 146 16.09 50.25 -19.49
N VAL C 147 15.22 49.84 -20.42
CA VAL C 147 15.64 49.50 -21.78
C VAL C 147 14.63 50.11 -22.76
N PRO C 148 15.02 51.10 -23.56
CA PRO C 148 14.06 51.69 -24.51
C PRO C 148 13.79 50.73 -25.66
N VAL C 149 12.51 50.51 -25.96
CA VAL C 149 12.10 49.56 -26.98
C VAL C 149 11.01 50.18 -27.84
N THR C 150 10.87 49.63 -29.05
CA THR C 150 9.85 50.04 -30.00
C THR C 150 8.95 48.84 -30.26
N PRO C 151 7.62 48.95 -30.08
CA PRO C 151 6.77 47.77 -30.13
C PRO C 151 6.86 47.05 -31.46
N GLY C 152 6.82 45.73 -31.40
CA GLY C 152 7.08 44.90 -32.54
C GLY C 152 8.51 44.43 -32.65
N GLU C 153 9.43 45.02 -31.90
CA GLU C 153 10.82 44.60 -31.90
C GLU C 153 11.11 43.69 -30.71
N SER C 154 11.96 42.70 -30.94
CA SER C 154 12.35 41.79 -29.88
C SER C 154 13.17 42.50 -28.81
N VAL C 155 12.98 42.09 -27.57
CA VAL C 155 13.71 42.69 -26.46
C VAL C 155 14.33 41.57 -25.62
N SER C 156 15.39 41.91 -24.91
CA SER C 156 16.07 40.94 -24.07
C SER C 156 16.63 41.65 -22.84
N ILE C 157 16.50 40.99 -21.70
CA ILE C 157 16.71 41.61 -20.39
C ILE C 157 17.76 40.80 -19.62
N SER C 158 18.58 41.49 -18.83
CA SER C 158 19.73 40.89 -18.18
C SER C 158 19.58 40.90 -16.66
N CYS C 159 19.82 39.75 -16.04
CA CYS C 159 20.05 39.65 -14.60
C CYS C 159 21.33 38.89 -14.34
N ARG C 160 22.11 39.37 -13.36
CA ARG C 160 23.34 38.71 -12.96
C ARG C 160 23.22 38.25 -11.52
N SER C 161 23.69 37.04 -11.26
CA SER C 161 23.63 36.43 -9.94
C SER C 161 25.03 36.38 -9.32
N SER C 162 25.07 36.20 -8.00
CA SER C 162 26.31 36.11 -7.26
C SER C 162 26.58 34.69 -6.76
N LYS C 163 25.99 33.69 -7.39
CA LYS C 163 26.18 32.29 -7.04
C LYS C 163 25.44 31.45 -8.07
N SER C 164 25.97 30.27 -8.35
CA SER C 164 25.31 29.38 -9.29
C SER C 164 24.01 28.86 -8.69
N LEU C 165 22.97 28.79 -9.52
CA LEU C 165 21.67 28.30 -9.11
C LEU C 165 21.36 26.92 -9.64
N LEU C 166 22.23 26.35 -10.46
CA LEU C 166 22.05 24.99 -10.91
C LEU C 166 22.38 24.07 -9.75
N HIS C 167 21.36 23.70 -8.99
CA HIS C 167 21.51 22.74 -7.92
C HIS C 167 21.78 21.35 -8.49
N SER C 168 22.35 20.49 -7.65
CA SER C 168 22.74 19.16 -8.10
C SER C 168 21.55 18.32 -8.56
N ASN C 169 20.33 18.71 -8.22
CA ASN C 169 19.15 17.99 -8.67
C ASN C 169 18.77 18.30 -10.11
N GLY C 170 19.57 19.09 -10.83
CA GLY C 170 19.31 19.42 -12.21
C GLY C 170 18.49 20.67 -12.42
N ASN C 171 17.96 21.27 -11.37
CA ASN C 171 17.14 22.46 -11.53
C ASN C 171 18.02 23.70 -11.69
N THR C 172 17.34 24.82 -11.87
CA THR C 172 17.96 26.11 -11.65
C THR C 172 16.77 26.96 -11.20
N TYR C 173 16.96 27.75 -10.14
CA TYR C 173 15.82 28.30 -9.41
C TYR C 173 15.62 29.79 -9.53
N LEU C 174 15.92 30.38 -10.68
CA LEU C 174 15.69 31.81 -10.86
C LEU C 174 14.33 32.04 -11.50
N TYR C 175 13.62 33.09 -11.08
CA TYR C 175 12.27 33.36 -11.52
C TYR C 175 12.18 34.75 -12.13
N TRP C 176 11.38 34.89 -13.20
CA TRP C 176 11.06 36.18 -13.80
C TRP C 176 9.58 36.46 -13.70
N PHE C 177 9.26 37.61 -13.15
CA PHE C 177 7.90 38.11 -12.96
C PHE C 177 7.75 39.42 -13.71
N LEU C 178 6.50 39.78 -14.01
CA LEU C 178 6.20 41.00 -14.75
C LEU C 178 5.15 41.80 -14.01
N GLN C 179 5.50 43.02 -13.62
CA GLN C 179 4.55 44.00 -13.15
C GLN C 179 4.25 44.96 -14.29
N ARG C 180 3.07 44.82 -14.88
CA ARG C 180 2.57 45.82 -15.79
C ARG C 180 2.12 47.04 -15.00
N PRO C 181 2.07 48.21 -15.64
CA PRO C 181 1.79 49.45 -14.89
C PRO C 181 0.47 49.37 -14.13
N GLY C 182 0.58 49.46 -12.81
CA GLY C 182 -0.59 49.45 -11.95
C GLY C 182 -1.12 48.08 -11.58
N GLN C 183 -0.39 47.02 -11.87
CA GLN C 183 -0.85 45.66 -11.61
C GLN C 183 0.06 44.96 -10.60
N SER C 184 -0.29 43.71 -10.31
CA SER C 184 0.47 42.79 -9.49
C SER C 184 1.24 41.82 -10.38
N PRO C 185 2.42 41.37 -9.93
CA PRO C 185 3.26 40.55 -10.81
C PRO C 185 2.66 39.21 -11.17
N GLN C 186 2.97 38.76 -12.37
CA GLN C 186 2.50 37.51 -12.93
C GLN C 186 3.69 36.70 -13.41
N LEU C 187 3.69 35.42 -13.09
CA LEU C 187 4.85 34.59 -13.36
C LEU C 187 5.05 34.45 -14.86
N LEU C 188 6.22 34.87 -15.34
CA LEU C 188 6.64 34.61 -16.71
C LEU C 188 7.51 33.37 -16.78
N ILE C 189 8.56 33.34 -15.98
CA ILE C 189 9.55 32.27 -16.03
C ILE C 189 9.70 31.70 -14.64
N TYR C 190 9.46 30.40 -14.50
CA TYR C 190 9.71 29.71 -13.25
C TYR C 190 10.83 28.70 -13.46
N ARG C 191 11.75 28.69 -12.55
CA ARG C 191 12.90 27.81 -12.59
C ARG C 191 13.84 28.03 -13.77
N MET C 192 14.02 29.32 -14.15
CA MET C 192 15.18 29.70 -14.97
C MET C 192 14.99 29.29 -16.42
N SER C 193 13.96 28.49 -16.72
CA SER C 193 13.70 28.07 -18.08
C SER C 193 12.23 28.10 -18.49
N ASN C 194 11.35 27.79 -17.54
CA ASN C 194 9.99 27.38 -17.88
C ASN C 194 9.06 28.58 -18.02
N LEU C 195 7.87 28.32 -18.56
CA LEU C 195 6.88 29.33 -18.87
C LEU C 195 5.58 29.01 -18.15
N ALA C 196 5.02 30.00 -17.49
CA ALA C 196 3.82 29.78 -16.71
C ALA C 196 2.59 29.71 -17.61
N SER C 197 1.43 29.49 -16.99
CA SER C 197 0.18 29.36 -17.71
C SER C 197 -0.49 30.72 -17.82
N GLY C 198 -1.03 31.01 -18.99
CA GLY C 198 -1.68 32.27 -19.24
C GLY C 198 -0.77 33.34 -19.80
N VAL C 199 0.53 33.09 -19.90
CA VAL C 199 1.45 34.04 -20.52
C VAL C 199 1.75 33.58 -21.93
N PRO C 200 1.92 34.49 -22.88
CA PRO C 200 2.10 34.08 -24.27
C PRO C 200 3.39 33.29 -24.48
N ASP C 201 3.35 32.39 -25.46
CA ASP C 201 4.50 31.56 -25.78
C ASP C 201 5.66 32.35 -26.36
N ARG C 202 5.45 33.62 -26.72
CA ARG C 202 6.53 34.45 -27.20
C ARG C 202 7.53 34.88 -26.14
N PHE C 203 7.17 34.75 -24.86
CA PHE C 203 8.12 34.94 -23.77
C PHE C 203 8.97 33.70 -23.56
N SER C 204 10.24 33.92 -23.26
CA SER C 204 11.18 32.83 -23.03
C SER C 204 12.39 33.41 -22.33
N GLY C 205 13.43 32.61 -22.20
CA GLY C 205 14.69 33.14 -21.73
C GLY C 205 15.67 32.02 -21.54
N SER C 206 16.94 32.41 -21.44
CA SER C 206 17.98 31.42 -21.22
C SER C 206 19.13 32.06 -20.45
N GLY C 207 19.90 31.22 -19.80
CA GLY C 207 21.08 31.69 -19.12
C GLY C 207 21.94 30.55 -18.65
N SER C 208 23.03 30.91 -17.99
CA SER C 208 23.90 29.96 -17.31
C SER C 208 24.06 30.43 -15.88
N GLY C 209 24.78 29.66 -15.08
CA GLY C 209 24.99 30.03 -13.70
C GLY C 209 25.52 31.43 -13.56
N THR C 210 24.79 32.27 -12.83
CA THR C 210 25.06 33.68 -12.53
C THR C 210 24.83 34.62 -13.71
N ALA C 211 24.05 34.24 -14.71
CA ALA C 211 23.75 35.14 -15.82
C ALA C 211 22.51 34.67 -16.56
N PHE C 212 21.62 35.62 -16.90
CA PHE C 212 20.45 35.24 -17.67
C PHE C 212 19.94 36.41 -18.48
N THR C 213 19.43 36.08 -19.67
CA THR C 213 18.77 37.02 -20.56
C THR C 213 17.36 36.50 -20.85
N LEU C 214 16.36 37.27 -20.45
CA LEU C 214 14.96 37.03 -20.81
C LEU C 214 14.72 37.52 -22.22
N THR C 215 13.97 36.75 -23.00
CA THR C 215 13.70 37.08 -24.39
C THR C 215 12.21 37.27 -24.59
N ILE C 216 11.83 38.40 -25.17
CA ILE C 216 10.48 38.63 -25.63
C ILE C 216 10.56 38.83 -27.13
N SER C 217 10.14 37.82 -27.88
CA SER C 217 9.92 37.97 -29.30
C SER C 217 8.57 38.62 -29.50
N ARG C 218 8.47 39.47 -30.52
CA ARG C 218 7.23 40.15 -30.88
C ARG C 218 6.64 40.90 -29.68
N LEU C 219 7.44 41.83 -29.18
CA LEU C 219 6.96 42.72 -28.13
C LEU C 219 5.65 43.37 -28.53
N GLU C 220 4.62 43.12 -27.75
CA GLU C 220 3.33 43.74 -27.94
C GLU C 220 3.11 44.81 -26.89
N ALA C 221 1.97 45.48 -26.97
CA ALA C 221 1.59 46.41 -25.92
C ALA C 221 1.13 45.65 -24.67
N GLU C 222 1.10 46.37 -23.55
CA GLU C 222 0.85 45.80 -22.23
C GLU C 222 2.05 45.01 -21.72
N ASP C 223 3.09 44.86 -22.55
CA ASP C 223 4.35 44.32 -22.07
C ASP C 223 5.26 45.39 -21.51
N VAL C 224 4.87 46.66 -21.65
CA VAL C 224 5.53 47.74 -20.92
C VAL C 224 5.43 47.46 -19.44
N GLY C 225 6.48 47.78 -18.71
CA GLY C 225 6.47 47.60 -17.28
C GLY C 225 7.79 47.04 -16.81
N VAL C 226 7.81 46.57 -15.57
CA VAL C 226 9.05 46.15 -14.92
C VAL C 226 9.11 44.63 -14.82
N TYR C 227 10.27 44.09 -15.15
CA TYR C 227 10.56 42.66 -15.09
C TYR C 227 11.49 42.41 -13.92
N TYR C 228 11.12 41.45 -13.09
CA TYR C 228 11.81 41.17 -11.84
C TYR C 228 12.35 39.75 -11.86
N CYS C 229 13.48 39.57 -11.18
CA CYS C 229 14.16 38.29 -11.15
C CYS C 229 14.56 37.93 -9.73
N MET C 230 14.24 36.69 -9.33
CA MET C 230 14.27 36.22 -7.96
C MET C 230 14.99 34.87 -7.87
N GLN C 231 15.56 34.58 -6.70
CA GLN C 231 16.24 33.30 -6.43
C GLN C 231 15.46 32.52 -5.39
N HIS C 232 14.84 31.43 -5.82
CA HIS C 232 14.38 30.43 -4.86
C HIS C 232 15.34 29.26 -4.78
N LEU C 233 16.62 29.53 -4.58
CA LEU C 233 17.58 28.45 -4.36
C LEU C 233 17.70 28.11 -2.90
N GLU C 234 17.49 29.09 -2.04
CA GLU C 234 17.61 28.94 -0.59
C GLU C 234 17.05 30.22 -0.01
N TYR C 235 17.11 30.33 1.28
CA TYR C 235 16.43 31.49 1.81
C TYR C 235 17.46 32.45 2.38
N PRO C 236 17.21 33.76 2.28
CA PRO C 236 16.03 34.37 1.66
C PRO C 236 16.01 34.32 0.14
N LEU C 237 14.84 34.59 -0.41
CA LEU C 237 14.69 34.86 -1.84
C LEU C 237 15.06 36.32 -2.06
N THR C 238 16.02 36.57 -2.94
CA THR C 238 16.46 37.93 -3.20
C THR C 238 15.93 38.40 -4.55
N PHE C 239 15.59 39.68 -4.62
CA PHE C 239 15.06 40.29 -5.82
C PHE C 239 16.06 41.29 -6.39
N GLY C 240 16.00 41.48 -7.70
CA GLY C 240 16.74 42.54 -8.34
C GLY C 240 15.93 43.81 -8.44
N ALA C 241 16.54 44.82 -9.06
CA ALA C 241 15.87 46.11 -9.19
C ALA C 241 14.76 46.07 -10.23
N GLY C 242 14.83 45.12 -11.17
CA GLY C 242 13.82 45.02 -12.20
C GLY C 242 14.05 45.99 -13.34
N THR C 243 14.02 45.47 -14.56
CA THR C 243 14.22 46.31 -15.74
C THR C 243 12.88 46.86 -16.21
N LYS C 244 12.83 48.16 -16.48
CA LYS C 244 11.59 48.81 -16.87
C LYS C 244 11.59 48.99 -18.39
N LEU C 245 10.95 48.06 -19.10
CA LEU C 245 10.72 48.24 -20.51
C LEU C 245 9.70 49.35 -20.71
N GLU C 246 10.09 50.35 -21.51
CA GLU C 246 9.35 51.59 -21.67
C GLU C 246 8.76 51.69 -23.06
N LEU C 247 7.54 52.22 -23.14
CA LEU C 247 6.87 52.49 -24.40
C LEU C 247 5.59 53.27 -24.15
N THR D 6 -33.14 -16.91 -36.98
CA THR D 6 -33.40 -15.48 -36.98
C THR D 6 -32.20 -14.71 -36.43
N ALA D 7 -32.21 -14.47 -35.11
CA ALA D 7 -31.10 -13.79 -34.47
C ALA D 7 -29.83 -14.62 -34.56
N SER D 8 -29.94 -15.94 -34.39
CA SER D 8 -28.78 -16.81 -34.54
C SER D 8 -28.23 -16.75 -35.96
N ILE D 9 -29.11 -16.61 -36.95
CA ILE D 9 -28.67 -16.47 -38.33
C ILE D 9 -27.86 -15.19 -38.50
N ALA D 10 -28.32 -14.09 -37.90
CA ALA D 10 -27.59 -12.84 -37.99
C ALA D 10 -26.23 -12.94 -37.28
N GLN D 11 -26.19 -13.58 -36.12
CA GLN D 11 -24.92 -13.75 -35.43
C GLN D 11 -23.95 -14.60 -36.24
N ALA D 12 -24.45 -15.66 -36.86
CA ALA D 12 -23.60 -16.49 -37.71
C ALA D 12 -23.12 -15.73 -38.94
N ARG D 13 -23.97 -14.87 -39.50
CA ARG D 13 -23.54 -14.04 -40.62
C ARG D 13 -22.43 -13.08 -40.20
N LYS D 14 -22.57 -12.46 -39.03
CA LYS D 14 -21.52 -11.57 -38.54
C LYS D 14 -20.22 -12.34 -38.33
N LEU D 15 -20.31 -13.54 -37.75
CA LEU D 15 -19.11 -14.34 -37.52
C LEU D 15 -18.45 -14.72 -38.83
N VAL D 16 -19.23 -15.13 -39.83
CA VAL D 16 -18.66 -15.52 -41.11
C VAL D 16 -18.01 -14.34 -41.79
N GLU D 17 -18.67 -13.17 -41.77
CA GLU D 17 -18.08 -12.00 -42.40
C GLU D 17 -16.78 -11.60 -41.71
N GLN D 18 -16.74 -11.66 -40.38
CA GLN D 18 -15.53 -11.31 -39.67
C GLN D 18 -14.41 -12.29 -39.97
N LEU D 19 -14.72 -13.59 -40.02
CA LEU D 19 -13.70 -14.57 -40.37
C LEU D 19 -13.18 -14.34 -41.78
N LYS D 20 -14.07 -14.02 -42.72
CA LYS D 20 -13.63 -13.73 -44.08
C LYS D 20 -12.73 -12.50 -44.12
N MET D 21 -13.09 -11.45 -43.37
CA MET D 21 -12.27 -10.25 -43.37
C MET D 21 -10.91 -10.52 -42.77
N GLU D 22 -10.84 -11.34 -41.73
CA GLU D 22 -9.56 -11.62 -41.09
C GLU D 22 -8.71 -12.58 -41.90
N ALA D 23 -9.32 -13.47 -42.68
CA ALA D 23 -8.55 -14.47 -43.41
C ALA D 23 -7.70 -13.85 -44.52
N ASN D 24 -8.21 -12.83 -45.18
CA ASN D 24 -7.59 -12.30 -46.38
C ASN D 24 -6.45 -11.34 -46.10
N ILE D 25 -6.06 -11.14 -44.84
CA ILE D 25 -5.02 -10.18 -44.53
C ILE D 25 -3.66 -10.70 -45.02
N ASP D 26 -2.74 -9.79 -45.26
CA ASP D 26 -1.43 -10.16 -45.75
C ASP D 26 -0.61 -10.80 -44.63
N ARG D 27 0.18 -11.82 -44.99
CA ARG D 27 0.97 -12.56 -44.02
C ARG D 27 2.41 -12.68 -44.52
N ILE D 28 3.34 -12.66 -43.57
CA ILE D 28 4.76 -12.80 -43.86
C ILE D 28 5.31 -13.96 -43.03
N LYS D 29 6.50 -14.42 -43.41
CA LYS D 29 7.11 -15.55 -42.73
C LYS D 29 7.64 -15.15 -41.36
N VAL D 30 7.84 -16.16 -40.52
CA VAL D 30 8.35 -15.94 -39.16
C VAL D 30 9.78 -15.45 -39.20
N SER D 31 10.54 -15.80 -40.25
CA SER D 31 11.93 -15.38 -40.34
C SER D 31 12.04 -13.87 -40.37
N LYS D 32 11.15 -13.20 -41.12
CA LYS D 32 11.17 -11.74 -41.15
C LYS D 32 10.84 -11.15 -39.78
N ALA D 33 9.88 -11.77 -39.07
CA ALA D 33 9.56 -11.31 -37.72
C ALA D 33 10.76 -11.44 -36.79
N ALA D 34 11.44 -12.58 -36.83
CA ALA D 34 12.64 -12.77 -36.01
C ALA D 34 13.70 -11.75 -36.37
N ALA D 35 13.92 -11.52 -37.67
CA ALA D 35 14.91 -10.56 -38.10
C ALA D 35 14.61 -9.17 -37.59
N ASP D 36 13.33 -8.76 -37.64
CA ASP D 36 12.97 -7.42 -37.20
C ASP D 36 13.08 -7.29 -35.68
N LEU D 37 12.73 -8.34 -34.95
CA LEU D 37 12.87 -8.29 -33.49
C LEU D 37 14.34 -8.15 -33.10
N MET D 38 15.22 -8.97 -33.68
CA MET D 38 16.64 -8.83 -33.36
C MET D 38 17.19 -7.51 -33.88
N ALA D 39 16.66 -7.01 -35.00
CA ALA D 39 17.13 -5.72 -35.49
C ALA D 39 16.83 -4.61 -34.50
N TYR D 40 15.62 -4.61 -33.93
CA TYR D 40 15.29 -3.61 -32.92
C TYR D 40 16.13 -3.80 -31.67
N CYS D 41 16.36 -5.05 -31.26
CA CYS D 41 17.11 -5.28 -30.03
C CYS D 41 18.57 -4.87 -30.17
N GLU D 42 19.18 -5.14 -31.32
CA GLU D 42 20.57 -4.76 -31.52
C GLU D 42 20.69 -3.27 -31.82
N ALA D 43 19.66 -2.67 -32.41
CA ALA D 43 19.72 -1.26 -32.75
C ALA D 43 19.72 -0.39 -31.50
N HIS D 44 19.09 -0.85 -30.42
CA HIS D 44 18.90 -0.03 -29.22
C HIS D 44 19.47 -0.69 -27.97
N ALA D 45 20.53 -1.50 -28.13
CA ALA D 45 21.12 -2.17 -26.97
C ALA D 45 21.76 -1.19 -26.01
N LYS D 46 22.50 -0.20 -26.53
CA LYS D 46 23.19 0.75 -25.66
C LYS D 46 22.23 1.70 -24.95
N GLU D 47 21.04 1.91 -25.48
CA GLU D 47 20.06 2.78 -24.86
C GLU D 47 19.09 2.01 -23.97
N ASP D 48 19.36 0.73 -23.70
CA ASP D 48 18.58 -0.08 -22.77
C ASP D 48 19.33 -0.21 -21.46
N PRO D 49 19.16 0.72 -20.52
CA PRO D 49 19.99 0.69 -19.31
C PRO D 49 19.75 -0.51 -18.43
N LEU D 50 18.54 -1.07 -18.39
CA LEU D 50 18.33 -2.28 -17.63
C LEU D 50 19.09 -3.45 -18.23
N LEU D 51 19.07 -3.57 -19.56
CA LEU D 51 19.87 -4.59 -20.22
C LEU D 51 21.36 -4.34 -20.03
N THR D 52 21.80 -3.08 -20.15
CA THR D 52 23.20 -2.71 -20.00
C THR D 52 23.33 -1.63 -18.93
N PRO D 53 23.69 -1.99 -17.70
CA PRO D 53 23.69 -1.02 -16.61
C PRO D 53 24.62 0.17 -16.87
N VAL D 54 24.17 1.35 -16.45
CA VAL D 54 24.86 2.60 -16.71
C VAL D 54 25.65 2.99 -15.45
N PRO D 55 26.67 3.83 -15.57
CA PRO D 55 27.41 4.26 -14.38
C PRO D 55 26.53 5.01 -13.41
N ALA D 56 26.83 4.84 -12.11
CA ALA D 56 26.04 5.47 -11.07
C ALA D 56 26.06 6.99 -11.15
N SER D 57 27.13 7.57 -11.72
CA SER D 57 27.19 9.03 -11.86
C SER D 57 26.13 9.57 -12.81
N GLU D 58 25.57 8.72 -13.67
CA GLU D 58 24.48 9.10 -14.55
C GLU D 58 23.13 8.54 -14.13
N ASN D 59 23.14 7.44 -13.40
CA ASN D 59 21.92 6.72 -13.05
C ASN D 59 21.08 7.56 -12.10
N PRO D 60 19.81 7.81 -12.40
CA PRO D 60 18.98 8.64 -11.52
C PRO D 60 18.54 7.93 -10.26
N PHE D 61 18.86 6.65 -10.13
CA PHE D 61 18.51 5.86 -8.97
C PHE D 61 19.72 5.38 -8.19
N ARG D 62 20.93 5.59 -8.70
CA ARG D 62 22.16 5.23 -8.01
C ARG D 62 22.87 6.49 -7.52
N THR E 567 24.44 -21.90 45.44
CA THR E 567 23.53 -20.85 45.01
C THR E 567 22.28 -21.43 44.39
N SER E 568 21.16 -21.28 45.08
CA SER E 568 19.90 -21.79 44.57
C SER E 568 19.22 -20.77 43.66
N PHE E 569 18.47 -21.28 42.68
CA PHE E 569 17.60 -20.40 41.92
C PHE E 569 16.49 -19.85 42.79
N SER E 570 15.99 -20.64 43.73
CA SER E 570 14.92 -20.19 44.61
C SER E 570 15.29 -18.93 45.36
N ILE E 571 16.58 -18.58 45.43
CA ILE E 571 17.01 -17.36 46.10
C ILE E 571 16.34 -16.14 45.48
N LEU E 572 15.87 -16.25 44.24
CA LEU E 572 15.10 -15.16 43.64
C LEU E 572 13.81 -14.93 44.41
N MET E 573 13.09 -16.00 44.71
CA MET E 573 11.85 -15.94 45.46
C MET E 573 12.08 -16.25 46.94
N SER E 574 12.84 -17.27 47.24
CA SER E 574 12.91 -17.76 48.60
C SER E 574 13.87 -16.92 49.43
N PRO E 575 13.46 -16.43 50.60
CA PRO E 575 14.42 -15.81 51.52
C PRO E 575 15.45 -16.79 52.01
N PHE E 576 15.13 -18.07 52.04
CA PHE E 576 15.98 -19.08 52.65
C PHE E 576 16.05 -20.29 51.74
N VAL E 577 17.14 -21.05 51.88
CA VAL E 577 17.31 -22.31 51.19
C VAL E 577 17.78 -23.34 52.20
N PRO E 578 17.10 -24.47 52.34
CA PRO E 578 17.54 -25.48 53.31
C PRO E 578 18.93 -25.97 52.99
N SER E 579 19.75 -26.12 54.04
CA SER E 579 21.11 -26.57 53.84
C SER E 579 21.19 -28.02 53.41
N THR E 580 20.18 -28.83 53.75
CA THR E 580 20.20 -30.24 53.36
C THR E 580 19.99 -30.43 51.87
N ILE E 581 19.01 -29.75 51.29
CA ILE E 581 18.73 -29.89 49.87
C ILE E 581 19.59 -28.95 49.02
N PHE E 582 20.23 -27.95 49.64
CA PHE E 582 21.07 -27.01 48.91
C PHE E 582 22.12 -27.66 48.01
N PRO E 583 22.83 -28.71 48.44
CA PRO E 583 23.84 -29.30 47.54
C PRO E 583 23.28 -29.85 46.24
N VAL E 584 21.98 -30.12 46.18
CA VAL E 584 21.36 -30.55 44.94
C VAL E 584 20.69 -29.39 44.22
N VAL E 585 20.10 -28.45 44.98
CA VAL E 585 19.40 -27.33 44.37
C VAL E 585 20.38 -26.44 43.60
N LYS E 586 21.57 -26.22 44.16
CA LYS E 586 22.54 -25.38 43.47
C LYS E 586 22.95 -25.98 42.14
N TRP E 587 23.12 -27.30 42.08
CA TRP E 587 23.53 -27.92 40.84
C TRP E 587 22.38 -27.97 39.84
N ILE E 588 21.15 -28.17 40.33
CA ILE E 588 20.00 -28.01 39.44
C ILE E 588 20.01 -26.64 38.81
N THR E 589 20.27 -25.61 39.60
CA THR E 589 20.27 -24.25 39.09
C THR E 589 21.38 -24.05 38.07
N TYR E 590 22.58 -24.55 38.34
CA TYR E 590 23.67 -24.38 37.37
C TYR E 590 23.33 -25.06 36.04
N VAL E 591 22.91 -26.32 36.09
CA VAL E 591 22.61 -27.03 34.85
C VAL E 591 21.48 -26.34 34.11
N GLY E 592 20.43 -25.98 34.84
CA GLY E 592 19.30 -25.31 34.20
C GLY E 592 19.68 -23.98 33.60
N LEU E 593 20.52 -23.22 34.28
CA LEU E 593 20.90 -21.91 33.78
C LEU E 593 21.77 -22.04 32.54
N GLY E 594 22.65 -23.04 32.53
CA GLY E 594 23.41 -23.28 31.31
C GLY E 594 22.51 -23.60 30.14
N ILE E 595 21.57 -24.54 30.35
CA ILE E 595 20.65 -24.90 29.28
C ILE E 595 19.78 -23.70 28.91
N SER E 596 19.40 -22.88 29.88
CA SER E 596 18.54 -21.73 29.65
C SER E 596 19.26 -20.67 28.83
N ILE E 597 20.48 -20.33 29.20
CA ILE E 597 21.25 -19.34 28.43
C ILE E 597 21.51 -19.86 27.03
N GLY E 598 21.84 -21.14 26.90
CA GLY E 598 22.06 -21.69 25.57
C GLY E 598 20.80 -21.66 24.73
N SER E 599 19.67 -22.03 25.33
CA SER E 599 18.41 -22.03 24.60
C SER E 599 18.00 -20.62 24.21
N LEU E 600 18.29 -19.65 25.06
CA LEU E 600 17.95 -18.27 24.76
C LEU E 600 18.84 -17.71 23.65
N ILE E 601 20.13 -18.05 23.67
CA ILE E 601 21.02 -17.64 22.59
C ILE E 601 20.54 -18.24 21.27
N LEU E 602 20.22 -19.52 21.28
CA LEU E 602 19.74 -20.18 20.08
C LEU E 602 18.42 -19.55 19.62
N CYS E 603 17.53 -19.24 20.57
CA CYS E 603 16.24 -18.67 20.22
C CYS E 603 16.39 -17.29 19.59
N LEU E 604 17.27 -16.46 20.14
CA LEU E 604 17.43 -15.13 19.58
C LEU E 604 18.15 -15.17 18.25
N ILE E 605 19.06 -16.12 18.07
CA ILE E 605 19.68 -16.32 16.75
C ILE E 605 18.63 -16.73 15.73
N ILE E 606 17.74 -17.65 16.11
CA ILE E 606 16.67 -18.07 15.21
C ILE E 606 15.75 -16.90 14.89
N GLU E 607 15.39 -16.11 15.90
CA GLU E 607 14.50 -14.97 15.68
C GLU E 607 15.13 -13.95 14.75
N ALA E 608 16.41 -13.63 14.95
CA ALA E 608 17.06 -12.67 14.08
C ALA E 608 17.20 -13.20 12.66
N LEU E 609 17.60 -14.47 12.51
CA LEU E 609 17.80 -15.04 11.18
C LEU E 609 16.49 -15.17 10.44
N PHE E 610 15.41 -15.54 11.13
CA PHE E 610 14.13 -15.80 10.50
C PHE E 610 13.14 -14.67 10.70
N TRP E 611 13.63 -13.47 11.04
CA TRP E 611 12.73 -12.34 11.28
C TRP E 611 11.95 -11.96 10.04
N LYS E 612 12.63 -11.90 8.89
CA LYS E 612 11.97 -11.49 7.66
C LYS E 612 11.07 -12.56 7.07
N GLN E 613 11.14 -13.78 7.59
CA GLN E 613 10.35 -14.89 7.08
C GLN E 613 9.12 -15.20 7.93
N ILE E 614 8.85 -14.40 8.96
CA ILE E 614 7.75 -14.69 9.87
C ILE E 614 6.83 -13.48 10.01
N LYS E 615 7.22 -12.35 9.42
CA LYS E 615 6.43 -11.12 9.52
C LYS E 615 5.19 -11.15 8.65
N LYS E 616 4.08 -11.64 9.22
CA LYS E 616 2.87 -11.91 8.47
C LYS E 616 1.68 -11.06 8.89
N SER E 617 1.45 -10.85 10.19
CA SER E 617 0.30 -10.10 10.65
C SER E 617 0.70 -9.22 11.82
N GLN E 618 -0.09 -8.17 12.05
CA GLN E 618 0.23 -7.21 13.11
C GLN E 618 0.21 -7.87 14.48
N THR E 619 -0.79 -8.72 14.74
CA THR E 619 -0.86 -9.41 16.02
C THR E 619 0.32 -10.35 16.20
N SER E 620 0.63 -11.14 15.16
CA SER E 620 1.81 -12.00 15.23
C SER E 620 3.09 -11.18 15.31
N HIS E 621 3.10 -9.99 14.71
CA HIS E 621 4.26 -9.10 14.82
C HIS E 621 4.47 -8.66 16.27
N THR E 622 3.41 -8.22 16.94
CA THR E 622 3.54 -7.83 18.34
C THR E 622 3.92 -9.02 19.20
N ARG E 623 3.36 -10.19 18.90
CA ARG E 623 3.72 -11.38 19.66
C ARG E 623 5.19 -11.72 19.51
N ARG E 624 5.72 -11.61 18.28
CA ARG E 624 7.12 -11.92 18.08
C ARG E 624 8.03 -10.89 18.72
N ILE E 625 7.63 -9.67 18.76
CA ILE E 625 8.36 -8.66 19.50
C ILE E 625 8.43 -9.02 20.98
N CYS E 626 7.27 -9.40 21.53
CA CYS E 626 7.24 -9.81 22.93
C CYS E 626 8.12 -11.04 23.16
N MET E 627 8.08 -12.00 22.25
CA MET E 627 8.96 -13.18 22.31
C MET E 627 10.43 -12.78 22.37
N VAL E 628 10.85 -11.94 21.42
CA VAL E 628 12.25 -11.54 21.33
C VAL E 628 12.67 -10.81 22.59
N ASN E 629 11.83 -9.91 23.07
CA ASN E 629 12.18 -9.16 24.28
C ASN E 629 12.24 -10.06 25.49
N ILE E 630 11.33 -11.03 25.61
CA ILE E 630 11.39 -11.98 26.72
C ILE E 630 12.69 -12.76 26.68
N ALA E 631 13.06 -13.25 25.49
CA ALA E 631 14.29 -14.01 25.37
C ALA E 631 15.50 -13.17 25.74
N LEU E 632 15.53 -11.91 25.27
CA LEU E 632 16.64 -11.02 25.58
C LEU E 632 16.73 -10.77 27.07
N SER E 633 15.58 -10.50 27.71
CA SER E 633 15.58 -10.21 29.13
C SER E 633 16.07 -11.41 29.93
N LEU E 634 15.63 -12.60 29.56
CA LEU E 634 16.04 -13.77 30.32
C LEU E 634 17.52 -14.10 30.09
N LEU E 635 18.02 -13.87 28.87
CA LEU E 635 19.45 -14.06 28.64
C LEU E 635 20.28 -13.14 29.51
N ILE E 636 19.97 -11.84 29.45
CA ILE E 636 20.73 -10.85 30.23
C ILE E 636 20.65 -11.18 31.71
N ALA E 637 19.45 -11.45 32.21
CA ALA E 637 19.28 -11.66 33.64
C ALA E 637 19.88 -12.97 34.11
N ASP E 638 19.84 -14.02 33.28
CA ASP E 638 20.45 -15.29 33.65
C ASP E 638 21.97 -15.17 33.73
N VAL E 639 22.57 -14.50 32.74
CA VAL E 639 24.00 -14.25 32.82
C VAL E 639 24.32 -13.44 34.07
N TRP E 640 23.53 -12.40 34.35
CA TRP E 640 23.80 -11.57 35.51
C TRP E 640 23.65 -12.36 36.82
N PHE E 641 22.69 -13.26 36.89
CA PHE E 641 22.52 -14.07 38.09
C PHE E 641 23.71 -15.00 38.28
N ILE E 642 24.18 -15.65 37.21
CA ILE E 642 25.35 -16.51 37.36
C ILE E 642 26.56 -15.68 37.79
N VAL E 643 26.70 -14.48 37.23
CA VAL E 643 27.75 -13.56 37.66
C VAL E 643 27.65 -13.28 39.14
N GLY E 644 26.45 -12.92 39.61
CA GLY E 644 26.28 -12.62 41.02
C GLY E 644 26.51 -13.83 41.89
N ALA E 645 26.36 -15.03 41.33
CA ALA E 645 26.63 -16.24 42.08
C ALA E 645 28.12 -16.55 42.17
N THR E 646 28.90 -16.14 41.17
CA THR E 646 30.31 -16.50 41.12
C THR E 646 31.23 -15.47 41.74
N VAL E 647 30.71 -14.36 42.27
CA VAL E 647 31.54 -13.26 42.75
C VAL E 647 31.38 -13.12 44.26
N ASP E 648 32.50 -13.14 44.97
CA ASP E 648 32.49 -13.10 46.44
C ASP E 648 32.08 -11.73 46.94
N THR E 649 31.41 -11.71 48.09
CA THR E 649 30.91 -10.46 48.67
C THR E 649 31.95 -9.75 49.52
N THR E 650 32.77 -10.50 50.26
CA THR E 650 33.72 -9.92 51.18
C THR E 650 34.84 -9.16 50.49
N VAL E 651 35.24 -9.56 49.30
CA VAL E 651 36.37 -8.96 48.60
C VAL E 651 35.89 -7.78 47.78
N ASN E 652 34.62 -7.83 47.34
CA ASN E 652 34.04 -6.81 46.48
C ASN E 652 32.75 -6.30 47.12
N PRO E 653 32.86 -5.44 48.13
CA PRO E 653 31.64 -4.85 48.71
C PRO E 653 30.90 -3.95 47.74
N SER E 654 31.56 -3.46 46.69
CA SER E 654 30.93 -2.56 45.73
C SER E 654 31.28 -2.97 44.30
N GLY E 655 30.97 -2.12 43.34
CA GLY E 655 31.18 -2.43 41.94
C GLY E 655 30.35 -3.61 41.50
N VAL E 656 31.00 -4.75 41.27
CA VAL E 656 30.26 -5.99 41.08
C VAL E 656 29.56 -6.36 42.38
N CYS E 657 28.52 -7.18 42.26
CA CYS E 657 27.71 -7.62 43.40
C CYS E 657 26.81 -6.52 43.94
N THR E 658 26.95 -5.30 43.43
CA THR E 658 25.84 -4.37 43.61
C THR E 658 25.28 -3.94 42.26
N ALA E 659 26.17 -3.74 41.28
CA ALA E 659 25.72 -3.59 39.90
C ALA E 659 25.05 -4.87 39.42
N ALA E 660 25.59 -6.02 39.81
CA ALA E 660 24.97 -7.29 39.44
C ALA E 660 23.57 -7.39 40.02
N VAL E 661 23.39 -6.98 41.27
CA VAL E 661 22.08 -7.08 41.91
C VAL E 661 21.05 -6.22 41.19
N PHE E 662 21.37 -4.95 40.94
CA PHE E 662 20.41 -4.09 40.26
C PHE E 662 20.13 -4.59 38.86
N PHE E 663 21.17 -5.02 38.13
CA PHE E 663 20.95 -5.49 36.77
C PHE E 663 20.06 -6.73 36.76
N THR E 664 20.31 -7.69 37.64
CA THR E 664 19.51 -8.90 37.62
C THR E 664 18.06 -8.61 38.02
N HIS E 665 17.86 -7.71 38.99
CA HIS E 665 16.51 -7.32 39.35
C HIS E 665 15.79 -6.66 38.18
N PHE E 666 16.47 -5.71 37.53
CA PHE E 666 15.84 -4.99 36.43
C PHE E 666 15.46 -5.93 35.30
N PHE E 667 16.36 -6.85 34.95
CA PHE E 667 16.09 -7.69 33.79
C PHE E 667 15.08 -8.79 34.09
N TYR E 668 15.01 -9.29 35.33
CA TYR E 668 13.88 -10.13 35.71
C TYR E 668 12.55 -9.38 35.68
N LEU E 669 12.52 -8.14 36.16
CA LEU E 669 11.29 -7.39 35.96
C LEU E 669 10.98 -7.19 34.49
N SER E 670 12.01 -7.03 33.66
CA SER E 670 11.77 -6.93 32.22
C SER E 670 11.14 -8.19 31.67
N LEU E 671 11.64 -9.35 32.09
CA LEU E 671 11.05 -10.61 31.69
C LEU E 671 9.60 -10.69 32.09
N PHE E 672 9.30 -10.38 33.35
CA PHE E 672 7.95 -10.57 33.84
C PHE E 672 6.99 -9.56 33.20
N PHE E 673 7.47 -8.34 32.94
CA PHE E 673 6.59 -7.36 32.34
C PHE E 673 6.40 -7.62 30.85
N TRP E 674 7.37 -8.21 30.17
CA TRP E 674 7.13 -8.62 28.80
C TRP E 674 6.17 -9.80 28.73
N MET E 675 6.24 -10.70 29.71
CA MET E 675 5.23 -11.76 29.76
C MET E 675 3.84 -11.17 30.04
N LEU E 676 3.77 -10.15 30.89
CA LEU E 676 2.50 -9.47 31.10
C LEU E 676 2.00 -8.82 29.83
N MET E 677 2.91 -8.26 29.04
CA MET E 677 2.51 -7.69 27.76
C MET E 677 1.95 -8.75 26.82
N LEU E 678 2.55 -9.94 26.81
CA LEU E 678 2.00 -11.02 26.00
C LEU E 678 0.61 -11.42 26.47
N GLY E 679 0.41 -11.51 27.78
CA GLY E 679 -0.91 -11.81 28.30
C GLY E 679 -1.94 -10.76 27.95
N ILE E 680 -1.57 -9.49 28.07
CA ILE E 680 -2.48 -8.40 27.73
C ILE E 680 -2.78 -8.42 26.24
N LEU E 681 -1.80 -8.76 25.41
CA LEU E 681 -2.05 -8.87 23.99
C LEU E 681 -3.06 -9.97 23.68
N LEU E 682 -2.92 -11.12 24.35
CA LEU E 682 -3.89 -12.20 24.17
C LEU E 682 -5.28 -11.76 24.57
N ALA E 683 -5.40 -11.13 25.74
CA ALA E 683 -6.70 -10.69 26.20
C ALA E 683 -7.30 -9.64 25.27
N TYR E 684 -6.46 -8.75 24.76
CA TYR E 684 -6.94 -7.70 23.86
C TYR E 684 -7.37 -8.26 22.52
N ARG E 685 -6.70 -9.31 22.04
CA ARG E 685 -7.04 -9.89 20.75
C ARG E 685 -8.16 -10.91 20.83
N ILE E 686 -8.50 -11.39 22.02
CA ILE E 686 -9.61 -12.32 22.19
C ILE E 686 -10.88 -11.60 22.63
N ILE E 687 -10.77 -10.63 23.54
CA ILE E 687 -11.95 -9.94 24.06
C ILE E 687 -12.38 -8.83 23.12
N LEU E 688 -11.53 -7.81 22.96
CA LEU E 688 -11.83 -6.68 22.10
C LEU E 688 -11.46 -7.02 20.65
N VAL E 689 -12.30 -7.87 20.05
CA VAL E 689 -12.04 -8.37 18.72
C VAL E 689 -12.14 -7.26 17.68
N PHE E 690 -13.15 -6.40 17.80
CA PHE E 690 -13.31 -5.28 16.88
C PHE E 690 -12.65 -4.00 17.42
N HIS E 691 -11.39 -4.09 17.84
CA HIS E 691 -10.66 -2.92 18.27
C HIS E 691 -9.28 -2.94 17.66
N HIS E 692 -8.90 -1.83 17.03
CA HIS E 692 -7.59 -1.72 16.42
C HIS E 692 -6.99 -0.38 16.78
N MET E 693 -5.67 -0.35 16.87
CA MET E 693 -4.92 0.76 17.41
C MET E 693 -3.55 0.76 16.76
N ALA E 694 -2.97 1.94 16.62
CA ALA E 694 -1.81 2.12 15.75
C ALA E 694 -0.68 1.18 16.14
N GLN E 695 -0.03 0.61 15.12
CA GLN E 695 1.07 -0.32 15.36
C GLN E 695 2.18 0.34 16.19
N HIS E 696 2.55 1.56 15.83
CA HIS E 696 3.60 2.23 16.59
C HIS E 696 3.13 2.58 17.99
N LEU E 697 1.84 2.79 18.19
CA LEU E 697 1.37 3.11 19.53
C LEU E 697 1.35 1.85 20.41
N MET E 698 1.04 0.69 19.82
CA MET E 698 1.22 -0.56 20.54
C MET E 698 2.69 -0.80 20.86
N MET E 699 3.58 -0.48 19.92
CA MET E 699 5.00 -0.57 20.22
C MET E 699 5.37 0.33 21.39
N ALA E 700 4.82 1.54 21.41
CA ALA E 700 5.10 2.48 22.48
C ALA E 700 4.66 1.93 23.83
N VAL E 701 3.42 1.45 23.91
CA VAL E 701 2.92 0.91 25.18
C VAL E 701 3.73 -0.31 25.60
N GLY E 702 4.01 -1.20 24.66
CA GLY E 702 4.74 -2.41 25.00
C GLY E 702 6.14 -2.14 25.50
N PHE E 703 6.85 -1.23 24.84
CA PHE E 703 8.21 -0.93 25.27
C PHE E 703 8.25 -0.03 26.49
N CYS E 704 7.20 0.77 26.72
CA CYS E 704 7.16 1.62 27.91
C CYS E 704 6.81 0.82 29.15
N LEU E 705 5.99 -0.22 29.02
CA LEU E 705 5.70 -1.04 30.18
C LEU E 705 6.77 -2.12 30.38
N GLY E 706 7.21 -2.76 29.30
CA GLY E 706 8.12 -3.89 29.43
C GLY E 706 9.52 -3.49 29.84
N TYR E 707 9.91 -2.24 29.57
CA TYR E 707 11.22 -1.75 29.95
C TYR E 707 11.18 -0.50 30.79
N GLY E 708 10.16 0.33 30.65
CA GLY E 708 10.04 1.49 31.51
C GLY E 708 9.71 1.13 32.95
N CYS E 709 8.71 0.28 33.14
CA CYS E 709 8.35 -0.13 34.49
C CYS E 709 9.46 -0.87 35.22
N PRO E 710 10.18 -1.83 34.62
CA PRO E 710 11.29 -2.43 35.35
C PRO E 710 12.35 -1.43 35.76
N LEU E 711 12.68 -0.49 34.88
CA LEU E 711 13.66 0.54 35.20
C LEU E 711 13.18 1.38 36.38
N ILE E 712 11.93 1.84 36.32
CA ILE E 712 11.38 2.65 37.40
C ILE E 712 11.45 1.89 38.72
N ILE E 713 10.95 0.65 38.74
CA ILE E 713 10.85 -0.09 39.99
C ILE E 713 12.24 -0.35 40.57
N SER E 714 13.16 -0.84 39.75
CA SER E 714 14.48 -1.20 40.25
C SER E 714 15.25 0.04 40.71
N VAL E 715 15.14 1.15 39.97
CA VAL E 715 15.82 2.37 40.39
C VAL E 715 15.25 2.91 41.68
N ILE E 716 13.92 2.89 41.84
CA ILE E 716 13.35 3.34 43.10
C ILE E 716 13.84 2.46 44.25
N THR E 717 13.88 1.15 44.03
CA THR E 717 14.34 0.27 45.10
C THR E 717 15.79 0.58 45.48
N ILE E 718 16.66 0.77 44.50
CA ILE E 718 18.06 1.02 44.83
C ILE E 718 18.22 2.37 45.50
N ALA E 719 17.46 3.37 45.06
CA ALA E 719 17.54 4.68 45.67
C ALA E 719 17.06 4.68 47.10
N VAL E 720 16.08 3.83 47.44
CA VAL E 720 15.59 3.77 48.81
C VAL E 720 16.35 2.74 49.65
N THR E 721 17.26 1.97 49.06
CA THR E 721 17.96 0.98 49.85
C THR E 721 19.46 1.19 49.97
N GLN E 722 20.16 1.52 48.87
CA GLN E 722 21.61 1.38 48.85
C GLN E 722 22.34 2.24 49.87
N PRO E 723 22.02 3.52 50.06
CA PRO E 723 22.75 4.31 51.08
C PRO E 723 22.69 3.70 52.47
N SER E 724 21.63 2.96 52.80
CA SER E 724 21.55 2.22 54.06
C SER E 724 22.14 0.82 53.96
N ASN E 725 22.66 0.44 52.80
CA ASN E 725 23.30 -0.86 52.58
C ASN E 725 22.36 -2.02 52.89
N THR E 726 21.30 -2.14 52.07
CA THR E 726 20.39 -3.27 52.15
C THR E 726 20.12 -3.92 50.80
N TYR E 727 20.38 -3.21 49.70
CA TYR E 727 20.23 -3.78 48.37
C TYR E 727 21.16 -4.96 48.17
N LYS E 728 22.32 -4.92 48.82
CA LYS E 728 23.23 -6.05 48.89
C LYS E 728 22.53 -7.20 49.62
N ARG E 729 23.06 -8.41 49.45
CA ARG E 729 22.78 -9.52 50.35
C ARG E 729 23.99 -9.81 51.23
N LYS E 730 23.88 -10.88 52.01
CA LYS E 730 24.98 -11.27 52.87
C LYS E 730 25.90 -12.26 52.18
N ASP E 731 25.36 -13.35 51.64
CA ASP E 731 26.17 -14.41 51.06
C ASP E 731 26.19 -14.36 49.53
N VAL E 732 25.02 -14.49 48.90
CA VAL E 732 24.90 -14.60 47.45
C VAL E 732 24.36 -13.30 46.91
N CYS E 733 24.95 -12.82 45.82
CA CYS E 733 24.73 -11.43 45.43
C CYS E 733 23.37 -11.25 44.76
N TRP E 734 22.26 -11.44 45.48
CA TRP E 734 20.98 -11.19 44.82
C TRP E 734 20.12 -10.06 45.38
N LEU E 735 19.56 -10.19 46.59
CA LEU E 735 18.78 -9.12 47.20
C LEU E 735 18.23 -9.63 48.53
N ASN E 736 17.91 -8.72 49.44
CA ASN E 736 17.70 -9.11 50.83
C ASN E 736 16.24 -9.00 51.22
N TRP E 737 15.90 -9.79 52.25
CA TRP E 737 14.69 -9.60 53.03
C TRP E 737 14.94 -10.22 54.39
N SER E 738 15.24 -9.39 55.39
CA SER E 738 15.48 -9.90 56.73
C SER E 738 15.04 -8.92 57.80
N ASN E 739 13.79 -9.08 58.27
CA ASN E 739 13.24 -8.35 59.42
C ASN E 739 13.67 -6.89 59.43
N GLY E 740 13.36 -6.20 58.35
CA GLY E 740 13.80 -4.83 58.17
C GLY E 740 13.52 -4.33 56.78
N SER E 741 14.54 -3.82 56.10
CA SER E 741 14.41 -3.47 54.69
C SER E 741 14.02 -4.72 53.92
N LYS E 742 13.02 -4.59 53.04
CA LYS E 742 12.56 -5.73 52.26
C LYS E 742 12.57 -5.39 50.78
N PRO E 743 13.74 -5.28 50.15
CA PRO E 743 13.77 -5.00 48.71
C PRO E 743 13.40 -6.21 47.87
N LEU E 744 13.40 -7.41 48.45
CA LEU E 744 12.99 -8.59 47.71
C LEU E 744 11.57 -8.48 47.19
N LEU E 745 10.71 -7.78 47.92
CA LEU E 745 9.34 -7.56 47.48
C LEU E 745 9.24 -6.60 46.31
N ALA E 746 10.36 -6.12 45.79
CA ALA E 746 10.37 -5.43 44.51
C ALA E 746 10.54 -6.38 43.35
N PHE E 747 10.67 -7.68 43.62
CA PHE E 747 10.64 -8.71 42.61
C PHE E 747 9.52 -9.72 42.83
N VAL E 748 9.40 -10.24 44.04
CA VAL E 748 8.41 -11.26 44.32
C VAL E 748 7.00 -10.70 44.16
N VAL E 749 6.76 -9.50 44.69
CA VAL E 749 5.42 -8.90 44.59
C VAL E 749 5.02 -8.64 43.15
N PRO E 750 5.82 -7.97 42.31
CA PRO E 750 5.39 -7.74 40.93
C PRO E 750 5.28 -9.02 40.13
N ALA E 751 6.37 -9.78 40.08
CA ALA E 751 6.43 -10.99 39.27
C ALA E 751 5.21 -11.87 39.49
N LEU E 752 5.01 -12.32 40.73
CA LEU E 752 3.89 -13.21 41.01
C LEU E 752 2.56 -12.55 40.67
N ALA E 753 2.43 -11.25 40.95
CA ALA E 753 1.22 -10.54 40.53
C ALA E 753 0.99 -10.75 39.04
N ILE E 754 2.02 -10.49 38.24
CA ILE E 754 1.91 -10.71 36.80
C ILE E 754 1.50 -12.14 36.51
N VAL E 755 2.11 -13.10 37.21
CA VAL E 755 1.76 -14.49 37.01
C VAL E 755 0.27 -14.70 37.21
N ALA E 756 -0.26 -14.13 38.30
CA ALA E 756 -1.68 -14.22 38.57
C ALA E 756 -2.47 -13.75 37.35
N VAL E 757 -2.14 -12.57 36.83
CA VAL E 757 -2.84 -12.05 35.66
C VAL E 757 -2.72 -13.03 34.51
N ASN E 758 -1.50 -13.49 34.23
CA ASN E 758 -1.33 -14.43 33.14
C ASN E 758 -2.18 -15.65 33.37
N PHE E 759 -2.28 -16.10 34.62
CA PHE E 759 -3.11 -17.26 34.92
C PHE E 759 -4.53 -17.04 34.44
N VAL E 760 -5.11 -15.90 34.81
CA VAL E 760 -6.47 -15.59 34.38
C VAL E 760 -6.55 -15.68 32.86
N VAL E 761 -5.58 -15.05 32.19
CA VAL E 761 -5.59 -15.05 30.73
C VAL E 761 -5.61 -16.47 30.20
N VAL E 762 -4.77 -17.34 30.77
CA VAL E 762 -4.72 -18.72 30.28
C VAL E 762 -6.10 -19.34 30.36
N LEU E 763 -6.77 -19.18 31.51
CA LEU E 763 -8.09 -19.76 31.66
C LEU E 763 -9.05 -19.22 30.61
N LEU E 764 -8.97 -17.91 30.36
CA LEU E 764 -9.85 -17.32 29.35
C LEU E 764 -9.62 -17.96 28.00
N VAL E 765 -8.37 -18.23 27.65
CA VAL E 765 -8.09 -18.90 26.39
C VAL E 765 -8.71 -20.29 26.39
N LEU E 766 -8.61 -21.00 27.52
CA LEU E 766 -9.29 -22.29 27.61
C LEU E 766 -10.80 -22.11 27.49
N THR E 767 -11.32 -21.01 28.03
CA THR E 767 -12.72 -20.69 27.84
C THR E 767 -13.09 -20.67 26.36
N LYS E 768 -12.15 -20.27 25.51
CA LYS E 768 -12.39 -20.23 24.08
C LYS E 768 -11.99 -21.51 23.37
N LEU E 769 -11.24 -22.38 24.02
CA LEU E 769 -10.83 -23.61 23.36
C LEU E 769 -11.61 -24.83 23.84
N TRP E 770 -12.53 -24.66 24.78
CA TRP E 770 -13.43 -25.72 25.21
C TRP E 770 -14.84 -25.51 24.70
N ARG E 771 -15.10 -24.44 23.95
CA ARG E 771 -16.42 -24.23 23.38
C ARG E 771 -16.86 -25.35 22.46
N PRO E 772 -16.05 -25.84 21.50
CA PRO E 772 -16.54 -26.98 20.72
C PRO E 772 -16.38 -28.31 21.46
N ALA E 784 -10.15 -33.78 18.67
CA ALA E 784 -8.82 -33.33 19.07
C ALA E 784 -8.90 -32.11 19.97
N THR E 785 -10.03 -31.98 20.68
CA THR E 785 -10.19 -30.87 21.61
C THR E 785 -9.18 -30.95 22.76
N ILE E 786 -9.02 -32.14 23.33
CA ILE E 786 -8.07 -32.31 24.43
C ILE E 786 -6.64 -32.05 23.96
N ILE E 787 -6.29 -32.54 22.77
CA ILE E 787 -4.94 -32.36 22.25
C ILE E 787 -4.65 -30.88 22.02
N ARG E 788 -5.59 -30.17 21.38
CA ARG E 788 -5.38 -28.75 21.12
C ARG E 788 -5.34 -27.96 22.42
N VAL E 789 -6.22 -28.27 23.37
CA VAL E 789 -6.22 -27.57 24.64
C VAL E 789 -4.90 -27.78 25.37
N GLY E 790 -4.40 -29.02 25.37
CA GLY E 790 -3.13 -29.28 26.03
C GLY E 790 -1.96 -28.61 25.35
N LYS E 791 -1.95 -28.61 24.01
CA LYS E 791 -0.89 -27.92 23.30
C LYS E 791 -0.89 -26.43 23.62
N SER E 792 -2.08 -25.81 23.64
CA SER E 792 -2.16 -24.39 23.99
C SER E 792 -1.71 -24.14 25.43
N LEU E 793 -2.12 -25.00 26.35
CA LEU E 793 -1.75 -24.81 27.75
C LEU E 793 -0.25 -24.91 27.93
N LEU E 794 0.38 -25.87 27.28
CA LEU E 794 1.82 -26.05 27.43
C LEU E 794 2.64 -25.13 26.55
N ILE E 795 2.04 -24.45 25.58
CA ILE E 795 2.77 -23.39 24.89
C ILE E 795 2.58 -22.05 25.59
N LEU E 796 1.57 -21.92 26.44
CA LEU E 796 1.36 -20.67 27.18
C LEU E 796 1.98 -20.67 28.57
N THR E 797 2.12 -21.82 29.21
CA THR E 797 2.69 -21.84 30.55
C THR E 797 4.12 -21.31 30.60
N PRO E 798 5.05 -21.71 29.72
CA PRO E 798 6.38 -21.10 29.78
C PRO E 798 6.42 -19.65 29.37
N LEU E 799 5.69 -19.26 28.33
CA LEU E 799 5.76 -17.89 27.85
C LEU E 799 5.03 -16.92 28.76
N LEU E 800 3.98 -17.36 29.44
CA LEU E 800 3.32 -16.51 30.41
C LEU E 800 3.85 -16.72 31.81
N GLY E 801 4.83 -17.60 31.97
CA GLY E 801 5.51 -17.76 33.25
C GLY E 801 4.63 -18.22 34.37
N LEU E 802 3.75 -19.18 34.10
CA LEU E 802 2.88 -19.70 35.16
C LEU E 802 3.65 -20.56 36.14
N THR E 803 4.73 -21.20 35.68
CA THR E 803 5.55 -22.00 36.58
C THR E 803 6.14 -21.17 37.71
N TRP E 804 6.38 -19.88 37.47
CA TRP E 804 6.90 -19.03 38.53
C TRP E 804 5.96 -18.96 39.71
N GLY E 805 4.71 -19.39 39.54
CA GLY E 805 3.79 -19.44 40.64
C GLY E 805 4.27 -20.34 41.77
N PHE E 806 5.11 -21.33 41.46
CA PHE E 806 5.65 -22.15 42.53
C PHE E 806 6.48 -21.34 43.50
N GLY E 807 6.93 -20.16 43.09
CA GLY E 807 7.58 -19.27 44.03
C GLY E 807 6.73 -19.01 45.26
N ILE E 808 5.42 -18.91 45.10
CA ILE E 808 4.52 -18.79 46.25
C ILE E 808 4.93 -19.75 47.35
N GLY E 809 5.05 -21.04 46.99
CA GLY E 809 5.39 -22.02 48.00
C GLY E 809 6.71 -21.71 48.68
N THR E 810 7.73 -21.36 47.90
CA THR E 810 9.05 -21.09 48.46
C THR E 810 9.07 -19.83 49.31
N ILE E 811 8.01 -19.01 49.30
CA ILE E 811 7.83 -17.98 50.31
C ILE E 811 6.85 -18.43 51.39
N VAL E 812 5.82 -19.18 51.01
CA VAL E 812 4.82 -19.58 51.99
C VAL E 812 5.44 -20.47 53.06
N ASP E 813 6.17 -21.50 52.64
CA ASP E 813 6.88 -22.38 53.55
C ASP E 813 8.30 -22.61 53.08
N SER E 814 9.15 -23.09 53.98
CA SER E 814 10.59 -23.24 53.68
C SER E 814 10.80 -24.36 52.68
N GLN E 815 10.44 -25.61 53.05
CA GLN E 815 10.58 -26.77 52.14
C GLN E 815 9.28 -27.54 52.24
N ASN E 816 8.96 -28.06 53.42
CA ASN E 816 7.74 -28.89 53.61
C ASN E 816 7.93 -30.21 52.85
N LEU E 817 7.31 -30.34 51.67
CA LEU E 817 7.44 -31.56 50.84
C LEU E 817 8.61 -31.39 49.87
N ALA E 818 8.47 -30.51 48.88
CA ALA E 818 9.54 -30.23 47.89
C ALA E 818 9.13 -29.06 47.00
N TRP E 819 9.30 -27.81 47.48
CA TRP E 819 8.96 -26.65 46.67
C TRP E 819 10.16 -26.07 45.93
N HIS E 820 11.33 -26.03 46.57
CA HIS E 820 12.51 -25.47 45.91
C HIS E 820 12.92 -26.32 44.71
N VAL E 821 12.81 -27.64 44.85
CA VAL E 821 13.17 -28.52 43.75
C VAL E 821 12.25 -28.28 42.57
N ILE E 822 10.94 -28.12 42.83
CA ILE E 822 9.98 -27.79 41.77
C ILE E 822 10.33 -26.46 41.14
N PHE E 823 10.66 -25.46 41.96
CA PHE E 823 10.98 -24.15 41.44
C PHE E 823 12.16 -24.20 40.49
N ALA E 824 13.22 -24.88 40.91
CA ALA E 824 14.40 -24.97 40.06
C ALA E 824 14.12 -25.78 38.81
N LEU E 825 13.38 -26.89 38.94
CA LEU E 825 13.18 -27.78 37.80
C LEU E 825 12.20 -27.20 36.79
N LEU E 826 11.37 -26.25 37.18
CA LEU E 826 10.40 -25.71 36.24
C LEU E 826 10.68 -24.27 35.83
N ASN E 827 11.56 -23.56 36.54
CA ASN E 827 11.81 -22.16 36.25
C ASN E 827 13.22 -21.88 35.79
N ALA E 828 14.21 -22.63 36.27
CA ALA E 828 15.56 -22.45 35.76
C ALA E 828 15.65 -22.78 34.28
N PHE E 829 14.97 -23.85 33.84
CA PHE E 829 14.94 -24.23 32.45
C PHE E 829 13.96 -23.42 31.62
N GLN E 830 13.52 -22.27 32.11
CA GLN E 830 12.48 -21.55 31.39
C GLN E 830 12.93 -21.17 29.99
N GLY E 831 14.20 -20.87 29.81
CA GLY E 831 14.69 -20.62 28.47
C GLY E 831 14.58 -21.86 27.59
N PHE E 832 14.87 -23.02 28.16
CA PHE E 832 14.74 -24.26 27.41
C PHE E 832 13.30 -24.48 26.98
N PHE E 833 12.35 -24.25 27.88
CA PHE E 833 10.96 -24.43 27.52
C PHE E 833 10.52 -23.40 26.49
N ILE E 834 11.01 -22.17 26.59
CA ILE E 834 10.66 -21.16 25.60
C ILE E 834 11.15 -21.59 24.23
N LEU E 835 12.39 -22.06 24.14
CA LEU E 835 12.89 -22.55 22.86
C LEU E 835 12.09 -23.74 22.36
N CYS E 836 11.75 -24.67 23.24
CA CYS E 836 11.15 -25.91 22.80
C CYS E 836 9.71 -25.72 22.36
N PHE E 837 8.97 -24.85 23.07
CA PHE E 837 7.54 -24.68 22.84
C PHE E 837 7.20 -23.39 22.11
N GLY E 838 7.68 -22.24 22.60
CA GLY E 838 7.38 -20.99 21.94
C GLY E 838 8.15 -20.75 20.66
N ILE E 839 9.11 -21.63 20.35
CA ILE E 839 9.89 -21.50 19.12
C ILE E 839 9.82 -22.81 18.33
N LEU E 840 10.17 -23.92 18.97
CA LEU E 840 10.31 -25.19 18.29
C LEU E 840 9.01 -25.97 18.19
N LEU E 841 7.90 -25.45 18.69
CA LEU E 841 6.61 -26.10 18.52
C LEU E 841 5.74 -25.41 17.48
N ASP E 842 6.10 -24.20 17.06
CA ASP E 842 5.40 -23.56 15.95
C ASP E 842 5.73 -24.30 14.66
N SER E 843 4.70 -24.62 13.88
CA SER E 843 4.89 -25.41 12.67
C SER E 843 5.70 -24.66 11.62
N LYS E 844 5.36 -23.40 11.39
CA LYS E 844 6.04 -22.62 10.34
C LYS E 844 7.52 -22.46 10.66
N LEU E 845 7.85 -22.13 11.91
CA LEU E 845 9.24 -21.97 12.28
C LEU E 845 10.00 -23.29 12.16
N ARG E 846 9.36 -24.39 12.55
CA ARG E 846 9.98 -25.69 12.38
C ARG E 846 10.29 -25.96 10.92
N GLN E 847 9.33 -25.70 10.04
CA GLN E 847 9.53 -25.96 8.62
C GLN E 847 10.68 -25.13 8.07
N LEU E 848 10.69 -23.83 8.39
CA LEU E 848 11.74 -22.96 7.87
C LEU E 848 13.11 -23.36 8.41
N LEU E 849 13.19 -23.66 9.71
CA LEU E 849 14.47 -24.03 10.30
C LEU E 849 14.99 -25.34 9.73
N PHE E 850 14.11 -26.34 9.55
CA PHE E 850 14.56 -27.60 9.00
C PHE E 850 14.93 -27.48 7.53
N ASN E 851 14.23 -26.64 6.77
CA ASN E 851 14.61 -26.41 5.38
C ASN E 851 15.97 -25.74 5.29
N LYS E 852 16.23 -24.77 6.15
CA LYS E 852 17.54 -24.10 6.14
C LYS E 852 18.65 -25.05 6.58
N LEU E 853 18.40 -25.82 7.64
CA LEU E 853 19.44 -26.72 8.14
C LEU E 853 19.64 -27.90 7.21
N SER E 854 18.56 -28.45 6.67
CA SER E 854 18.61 -29.60 5.75
C SER E 854 19.34 -30.78 6.38
#